data_9AAT
#
_entry.id   9AAT
#
_cell.length_a   55.670
_cell.length_b   58.660
_cell.length_c   75.790
_cell.angle_alpha   85.20
_cell.angle_beta   109.30
_cell.angle_gamma   115.70
#
_symmetry.space_group_name_H-M   'P 1'
#
loop_
_entity.id
_entity.type
_entity.pdbx_description
1 polymer 'ASPARTATE AMINOTRANSFERASE'
2 non-polymer "4'-DEOXY-4'-AMINOPYRIDOXAL-5'-PHOSPHATE"
3 water water
#
_entity_poly.entity_id   1
_entity_poly.type   'polypeptide(L)'
_entity_poly.pdbx_seq_one_letter_code
;SSWWSHVEMGPPDPILGVTEAFKRDTNSKKMNLGVGAYRDDNGKPYVLNCVRKAEAMIAAKKMDKEYLPIAGLADFTRAS
AELALGENSEAFKSGRYVTVQGISGTGSLRVGANFLQRFFKFSRDVYLPKPSWGNHTPIFRDAGLQLQAYRYYDPKTCSL
DFTGAMEDISKIPEKSIILLHACAHNPTGVDPRQEQWKELASVVKKRNLLAYFDMAYQGFASGDINRDAWALRHFIEQGI
DVVLSQSYAKNMGLYGERAGAFTVICRDAEEAKRVESQLKILIRPMYSNPPMNGARIASLILNTPELRKEWLVEVKGMAD
RIISMRTQLVSNLKKEGSSHNWQHITDQIGMFCFTGLKPEQVERLTKEFSIYMTKDGRISVAGVASSNVGYLAHAIHQVT
K
;
_entity_poly.pdbx_strand_id   A,B
#
# COMPACT_ATOMS: atom_id res chain seq x y z
N SER A 1 -2.12 -26.24 16.76
CA SER A 1 -2.99 -25.50 15.84
C SER A 1 -4.34 -25.16 16.46
N SER A 2 -5.36 -25.22 15.61
CA SER A 2 -6.75 -24.94 15.90
C SER A 2 -7.09 -23.51 16.25
N TRP A 3 -6.28 -22.58 15.80
CA TRP A 3 -6.38 -21.14 16.00
C TRP A 3 -7.54 -20.44 15.29
N TRP A 4 -7.83 -20.92 14.09
CA TRP A 4 -8.84 -20.30 13.22
C TRP A 4 -10.16 -20.99 13.04
N SER A 5 -10.42 -22.02 13.82
CA SER A 5 -11.67 -22.77 13.68
C SER A 5 -12.90 -21.91 13.82
N HIS A 6 -12.83 -20.78 14.51
CA HIS A 6 -13.98 -19.92 14.73
C HIS A 6 -14.14 -18.83 13.69
N VAL A 7 -13.26 -18.80 12.70
CA VAL A 7 -13.32 -17.79 11.64
C VAL A 7 -14.36 -18.26 10.61
N GLU A 8 -15.33 -17.40 10.43
CA GLU A 8 -16.44 -17.69 9.49
C GLU A 8 -16.10 -17.12 8.12
N MET A 9 -16.62 -17.83 7.15
CA MET A 9 -16.46 -17.43 5.74
C MET A 9 -17.25 -16.11 5.66
N GLY A 10 -16.58 -15.13 5.10
CA GLY A 10 -17.14 -13.78 4.91
C GLY A 10 -18.17 -13.82 3.78
N PRO A 11 -19.01 -12.81 3.80
CA PRO A 11 -20.08 -12.67 2.78
C PRO A 11 -19.45 -12.39 1.42
N PRO A 12 -20.13 -12.88 0.39
CA PRO A 12 -19.67 -12.73 -1.00
C PRO A 12 -20.10 -11.39 -1.57
N ASP A 13 -19.30 -10.95 -2.52
CA ASP A 13 -19.53 -9.69 -3.24
C ASP A 13 -20.54 -9.98 -4.35
N PRO A 14 -21.58 -9.15 -4.39
CA PRO A 14 -22.66 -9.25 -5.38
C PRO A 14 -22.17 -8.87 -6.78
N ILE A 15 -21.25 -7.94 -6.83
CA ILE A 15 -20.68 -7.46 -8.09
C ILE A 15 -19.84 -8.58 -8.71
N LEU A 16 -19.27 -9.36 -7.81
CA LEU A 16 -18.43 -10.50 -8.23
C LEU A 16 -19.42 -11.50 -8.86
N GLY A 17 -20.50 -11.68 -8.14
CA GLY A 17 -21.58 -12.58 -8.58
C GLY A 17 -22.01 -12.24 -10.01
N VAL A 18 -22.22 -10.96 -10.27
CA VAL A 18 -22.64 -10.49 -11.59
C VAL A 18 -21.60 -10.79 -12.68
N THR A 19 -20.33 -10.60 -12.34
CA THR A 19 -19.22 -10.83 -13.27
C THR A 19 -19.01 -12.28 -13.65
N GLU A 20 -19.21 -13.16 -12.69
CA GLU A 20 -19.07 -14.61 -12.84
C GLU A 20 -20.18 -15.17 -13.73
N ALA A 21 -21.40 -14.66 -13.52
CA ALA A 21 -22.56 -15.07 -14.32
C ALA A 21 -22.33 -14.63 -15.77
N PHE A 22 -21.83 -13.41 -15.87
CA PHE A 22 -21.53 -12.80 -17.18
C PHE A 22 -20.53 -13.68 -17.92
N LYS A 23 -19.50 -14.09 -17.23
CA LYS A 23 -18.43 -14.91 -17.81
C LYS A 23 -18.94 -16.27 -18.28
N ARG A 24 -19.93 -16.79 -17.58
CA ARG A 24 -20.50 -18.10 -17.88
C ARG A 24 -21.45 -18.08 -19.07
N ASP A 25 -22.06 -16.95 -19.36
CA ASP A 25 -23.01 -16.73 -20.44
C ASP A 25 -22.37 -16.94 -21.82
N THR A 26 -23.07 -17.66 -22.68
CA THR A 26 -22.61 -17.96 -24.03
C THR A 26 -23.23 -17.12 -25.14
N ASN A 27 -24.19 -16.31 -24.79
CA ASN A 27 -24.86 -15.42 -25.78
C ASN A 27 -23.84 -14.35 -26.15
N SER A 28 -23.41 -14.33 -27.41
CA SER A 28 -22.45 -13.36 -27.92
C SER A 28 -22.91 -11.92 -27.81
N LYS A 29 -24.14 -11.70 -27.42
CA LYS A 29 -24.73 -10.35 -27.26
C LYS A 29 -24.67 -9.82 -25.84
N LYS A 30 -24.18 -10.67 -24.96
CA LYS A 30 -24.06 -10.37 -23.52
C LYS A 30 -23.32 -9.07 -23.27
N MET A 31 -23.78 -8.34 -22.27
CA MET A 31 -23.17 -7.06 -21.89
C MET A 31 -22.84 -7.12 -20.39
N ASN A 32 -21.68 -6.57 -20.05
CA ASN A 32 -21.23 -6.49 -18.65
C ASN A 32 -21.26 -5.01 -18.21
N LEU A 33 -22.33 -4.64 -17.54
CA LEU A 33 -22.49 -3.26 -17.07
C LEU A 33 -22.20 -3.19 -15.59
N GLY A 34 -21.43 -4.16 -15.12
CA GLY A 34 -21.02 -4.22 -13.71
C GLY A 34 -19.53 -3.90 -13.60
N VAL A 35 -18.92 -3.63 -14.74
CA VAL A 35 -17.49 -3.31 -14.89
C VAL A 35 -17.08 -1.99 -14.28
N GLY A 36 -16.05 -2.04 -13.44
CA GLY A 36 -15.54 -0.91 -12.69
C GLY A 36 -14.31 -0.22 -13.20
N ALA A 37 -14.00 -0.38 -14.47
CA ALA A 37 -12.83 0.26 -15.07
C ALA A 37 -13.30 0.69 -16.46
N TYR A 38 -12.61 1.65 -17.04
CA TYR A 38 -12.94 2.10 -18.39
C TYR A 38 -12.59 0.96 -19.35
N ARG A 39 -13.35 0.95 -20.43
CA ARG A 39 -13.24 0.01 -21.57
C ARG A 39 -13.38 0.89 -22.83
N ASP A 40 -12.66 0.55 -23.86
CA ASP A 40 -12.76 1.31 -25.13
C ASP A 40 -14.00 0.84 -25.88
N ASP A 41 -14.19 1.41 -27.07
CA ASP A 41 -15.33 1.10 -27.92
C ASP A 41 -15.41 -0.36 -28.32
N ASN A 42 -14.28 -1.04 -28.22
CA ASN A 42 -14.16 -2.47 -28.53
C ASN A 42 -14.35 -3.32 -27.30
N GLY A 43 -14.59 -2.68 -26.17
CA GLY A 43 -14.82 -3.35 -24.89
C GLY A 43 -13.53 -3.84 -24.27
N LYS A 44 -12.41 -3.23 -24.64
CA LYS A 44 -11.12 -3.64 -24.10
C LYS A 44 -10.50 -2.63 -23.14
N PRO A 45 -9.62 -3.16 -22.29
CA PRO A 45 -8.87 -2.35 -21.30
C PRO A 45 -8.02 -1.37 -22.10
N TYR A 46 -7.87 -0.18 -21.55
CA TYR A 46 -7.11 0.87 -22.25
C TYR A 46 -5.97 1.51 -21.47
N VAL A 47 -4.76 1.27 -21.94
CA VAL A 47 -3.53 1.83 -21.35
C VAL A 47 -3.28 3.04 -22.28
N LEU A 48 -3.19 4.21 -21.71
CA LEU A 48 -2.98 5.44 -22.46
C LEU A 48 -1.58 5.49 -23.09
N ASN A 49 -1.55 6.13 -24.25
CA ASN A 49 -0.30 6.32 -25.01
C ASN A 49 0.73 7.06 -24.16
N CYS A 50 0.28 8.10 -23.49
CA CYS A 50 1.19 8.90 -22.64
C CYS A 50 1.77 8.03 -21.53
N VAL A 51 1.02 7.01 -21.13
CA VAL A 51 1.44 6.09 -20.07
C VAL A 51 2.57 5.18 -20.61
N ARG A 52 2.38 4.66 -21.80
CA ARG A 52 3.36 3.80 -22.49
C ARG A 52 4.65 4.61 -22.72
N LYS A 53 4.49 5.86 -23.11
CA LYS A 53 5.59 6.78 -23.36
C LYS A 53 6.35 7.08 -22.08
N ALA A 54 5.59 7.29 -21.01
CA ALA A 54 6.23 7.60 -19.72
C ALA A 54 7.01 6.38 -19.26
N GLU A 55 6.47 5.20 -19.47
CA GLU A 55 7.09 3.95 -19.05
C GLU A 55 8.39 3.66 -19.79
N ALA A 56 8.35 3.91 -21.08
CA ALA A 56 9.51 3.73 -21.96
C ALA A 56 10.63 4.63 -21.45
N MET A 57 10.26 5.83 -21.06
CA MET A 57 11.18 6.84 -20.53
C MET A 57 11.91 6.37 -19.28
N ILE A 58 11.17 5.78 -18.37
CA ILE A 58 11.74 5.29 -17.11
C ILE A 58 12.79 4.23 -17.43
N ALA A 59 12.36 3.32 -18.29
CA ALA A 59 13.19 2.20 -18.74
C ALA A 59 14.53 2.69 -19.29
N ALA A 60 14.41 3.64 -20.20
CA ALA A 60 15.54 4.28 -20.88
C ALA A 60 16.56 4.87 -19.93
N LYS A 61 16.09 5.45 -18.85
CA LYS A 61 16.94 6.09 -17.84
C LYS A 61 17.61 5.16 -16.83
N LYS A 62 17.29 3.89 -16.95
CA LYS A 62 17.81 2.83 -16.09
C LYS A 62 17.80 3.32 -14.64
N MET A 63 16.61 3.64 -14.18
CA MET A 63 16.39 4.14 -12.81
C MET A 63 16.55 3.00 -11.80
N ASP A 64 16.88 3.40 -10.59
CA ASP A 64 17.06 2.46 -9.46
C ASP A 64 15.67 2.11 -8.93
N LYS A 65 15.67 1.24 -7.93
CA LYS A 65 14.45 0.73 -7.29
C LYS A 65 14.54 1.03 -5.81
N GLU A 66 15.27 2.09 -5.51
CA GLU A 66 15.47 2.49 -4.12
C GLU A 66 14.18 2.98 -3.47
N TYR A 67 14.10 2.81 -2.17
CA TYR A 67 12.92 3.21 -1.38
C TYR A 67 12.62 4.69 -1.60
N LEU A 68 11.33 5.01 -1.60
CA LEU A 68 10.94 6.43 -1.72
C LEU A 68 10.79 6.89 -0.26
N PRO A 69 10.83 8.18 -0.07
CA PRO A 69 10.61 8.73 1.30
C PRO A 69 9.20 8.24 1.63
N ILE A 70 8.91 8.22 2.91
CA ILE A 70 7.63 7.81 3.49
C ILE A 70 6.48 8.54 2.82
N ALA A 71 6.64 9.83 2.65
CA ALA A 71 5.62 10.71 2.05
C ALA A 71 5.50 10.52 0.56
N GLY A 72 6.40 9.79 -0.05
CA GLY A 72 6.41 9.52 -1.49
C GLY A 72 7.35 10.38 -2.31
N LEU A 73 7.22 10.27 -3.62
CA LEU A 73 8.02 11.01 -4.61
C LEU A 73 7.63 12.48 -4.63
N ALA A 74 8.53 13.34 -4.18
CA ALA A 74 8.31 14.78 -4.12
C ALA A 74 7.75 15.45 -5.36
N ASP A 75 8.21 15.08 -6.53
CA ASP A 75 7.80 15.60 -7.84
C ASP A 75 6.32 15.26 -8.11
N PHE A 76 5.97 14.10 -7.59
CA PHE A 76 4.63 13.53 -7.70
C PHE A 76 3.64 14.22 -6.76
N THR A 77 4.01 14.34 -5.50
CA THR A 77 3.12 14.98 -4.53
C THR A 77 2.88 16.44 -4.87
N ARG A 78 3.90 17.15 -5.30
CA ARG A 78 3.80 18.57 -5.67
C ARG A 78 2.88 18.76 -6.88
N ALA A 79 3.11 17.97 -7.91
CA ALA A 79 2.34 18.03 -9.15
C ALA A 79 0.88 17.65 -8.89
N SER A 80 0.72 16.78 -7.92
CA SER A 80 -0.57 16.25 -7.48
C SER A 80 -1.42 17.35 -6.86
N ALA A 81 -0.83 18.12 -5.96
CA ALA A 81 -1.49 19.23 -5.28
C ALA A 81 -1.81 20.33 -6.30
N GLU A 82 -0.87 20.56 -7.19
CA GLU A 82 -1.01 21.56 -8.24
C GLU A 82 -2.18 21.21 -9.16
N LEU A 83 -2.29 19.92 -9.49
CA LEU A 83 -3.38 19.45 -10.34
C LEU A 83 -4.73 19.74 -9.67
N ALA A 84 -4.80 19.43 -8.40
CA ALA A 84 -6.00 19.60 -7.58
C ALA A 84 -6.39 21.04 -7.27
N LEU A 85 -5.46 21.82 -6.77
CA LEU A 85 -5.66 23.20 -6.37
C LEU A 85 -5.55 24.23 -7.47
N GLY A 86 -4.82 23.92 -8.51
CA GLY A 86 -4.63 24.91 -9.61
C GLY A 86 -3.34 25.67 -9.31
N GLU A 87 -2.60 25.93 -10.37
CA GLU A 87 -1.31 26.63 -10.26
C GLU A 87 -1.36 28.02 -9.67
N ASN A 88 -2.46 28.73 -9.89
CA ASN A 88 -2.62 30.09 -9.36
C ASN A 88 -3.37 30.16 -8.04
N SER A 89 -3.55 29.01 -7.43
CA SER A 89 -4.25 28.86 -6.15
C SER A 89 -3.36 29.47 -5.04
N GLU A 90 -4.02 30.24 -4.20
CA GLU A 90 -3.35 30.91 -3.07
C GLU A 90 -2.81 29.87 -2.10
N ALA A 91 -3.58 28.80 -1.93
CA ALA A 91 -3.28 27.66 -1.07
C ALA A 91 -1.97 26.99 -1.51
N PHE A 92 -1.91 26.80 -2.81
CA PHE A 92 -0.77 26.18 -3.48
C PHE A 92 0.46 27.07 -3.40
N LYS A 93 0.34 28.29 -3.90
CA LYS A 93 1.44 29.25 -3.95
C LYS A 93 2.10 29.53 -2.62
N SER A 94 1.30 29.64 -1.58
CA SER A 94 1.77 29.92 -0.22
C SER A 94 2.30 28.67 0.47
N GLY A 95 2.14 27.51 -0.13
CA GLY A 95 2.63 26.24 0.43
C GLY A 95 1.98 25.86 1.75
N ARG A 96 0.70 26.18 1.92
CA ARG A 96 -0.01 25.85 3.17
C ARG A 96 -0.78 24.55 3.07
N TYR A 97 -0.30 23.65 2.26
CA TYR A 97 -0.94 22.34 2.06
C TYR A 97 0.20 21.33 2.30
N VAL A 98 -0.18 20.10 2.56
CA VAL A 98 0.79 19.01 2.74
C VAL A 98 0.15 17.87 1.93
N THR A 99 0.88 17.30 1.01
CA THR A 99 0.33 16.18 0.21
C THR A 99 1.28 14.99 0.41
N VAL A 100 0.73 13.83 0.69
CA VAL A 100 1.52 12.61 0.83
C VAL A 100 0.95 11.59 -0.17
N GLN A 101 1.84 10.80 -0.73
CA GLN A 101 1.48 9.72 -1.67
C GLN A 101 0.74 8.66 -0.84
N GLY A 102 -0.27 8.05 -1.41
CA GLY A 102 -1.05 7.00 -0.73
C GLY A 102 -1.20 5.86 -1.75
N ILE A 103 -1.74 4.75 -1.33
CA ILE A 103 -1.95 3.61 -2.25
C ILE A 103 -3.27 3.86 -3.00
N SER A 104 -3.17 4.68 -4.02
CA SER A 104 -4.31 5.05 -4.87
C SER A 104 -5.29 5.85 -4.02
N GLY A 105 -6.51 5.97 -4.48
CA GLY A 105 -7.52 6.74 -3.71
C GLY A 105 -7.85 6.04 -2.40
N THR A 106 -7.99 4.73 -2.46
CA THR A 106 -8.34 3.95 -1.25
C THR A 106 -7.36 4.16 -0.10
N GLY A 107 -6.10 3.85 -0.36
CA GLY A 107 -5.06 4.04 0.68
C GLY A 107 -5.06 5.48 1.16
N SER A 108 -5.23 6.41 0.24
CA SER A 108 -5.24 7.86 0.54
C SER A 108 -6.43 8.17 1.43
N LEU A 109 -7.57 7.55 1.16
CA LEU A 109 -8.76 7.77 2.02
C LEU A 109 -8.53 7.22 3.43
N ARG A 110 -7.94 6.07 3.52
CA ARG A 110 -7.64 5.39 4.78
C ARG A 110 -6.63 6.14 5.62
N VAL A 111 -5.57 6.62 4.99
CA VAL A 111 -4.53 7.38 5.70
C VAL A 111 -5.21 8.61 6.33
N GLY A 112 -6.12 9.20 5.57
CA GLY A 112 -6.85 10.38 5.99
C GLY A 112 -7.78 10.13 7.16
N ALA A 113 -8.45 8.99 7.09
CA ALA A 113 -9.41 8.55 8.10
C ALA A 113 -8.65 8.27 9.41
N ASN A 114 -7.51 7.63 9.28
CA ASN A 114 -6.62 7.29 10.42
C ASN A 114 -6.04 8.56 11.05
N PHE A 115 -5.76 9.54 10.21
CA PHE A 115 -5.21 10.84 10.64
C PHE A 115 -6.22 11.60 11.50
N LEU A 116 -7.46 11.62 11.05
CA LEU A 116 -8.58 12.28 11.75
C LEU A 116 -8.88 11.51 13.04
N GLN A 117 -8.89 10.19 12.94
CA GLN A 117 -9.18 9.38 14.14
C GLN A 117 -8.21 9.82 15.25
N ARG A 118 -6.98 10.04 14.85
CA ARG A 118 -5.89 10.41 15.74
C ARG A 118 -5.85 11.85 16.21
N PHE A 119 -5.92 12.81 15.32
CA PHE A 119 -5.83 14.23 15.60
C PHE A 119 -7.08 15.09 15.55
N PHE A 120 -8.18 14.63 14.98
CA PHE A 120 -9.39 15.47 14.90
C PHE A 120 -10.16 15.25 16.19
N LYS A 121 -9.80 16.04 17.18
CA LYS A 121 -10.39 15.95 18.51
C LYS A 121 -11.83 16.42 18.64
N PHE A 122 -12.29 17.20 17.69
CA PHE A 122 -13.62 17.78 17.68
C PHE A 122 -14.80 16.85 17.54
N SER A 123 -14.62 15.74 16.86
CA SER A 123 -15.73 14.80 16.63
C SER A 123 -15.23 13.46 16.08
N ARG A 124 -16.10 12.49 16.09
CA ARG A 124 -15.82 11.14 15.59
C ARG A 124 -16.81 10.80 14.45
N ASP A 125 -17.79 11.66 14.21
CA ASP A 125 -18.81 11.44 13.19
C ASP A 125 -18.40 11.90 11.79
N VAL A 126 -18.56 11.01 10.84
CA VAL A 126 -18.28 11.26 9.42
C VAL A 126 -19.62 11.07 8.72
N TYR A 127 -20.08 12.13 8.08
CA TYR A 127 -21.37 12.10 7.38
C TYR A 127 -21.14 11.78 5.91
N LEU A 128 -21.79 10.72 5.48
CA LEU A 128 -21.67 10.30 4.06
C LEU A 128 -23.02 10.56 3.39
N PRO A 129 -22.95 10.74 2.08
CA PRO A 129 -24.19 10.97 1.28
C PRO A 129 -24.93 9.63 1.17
N LYS A 130 -26.22 9.68 0.90
CA LYS A 130 -27.02 8.46 0.71
C LYS A 130 -27.39 8.36 -0.78
N PRO A 131 -26.80 7.45 -1.52
CA PRO A 131 -25.78 6.49 -1.09
C PRO A 131 -24.37 7.00 -1.39
N SER A 132 -23.41 6.18 -1.03
CA SER A 132 -22.00 6.50 -1.28
C SER A 132 -21.34 5.22 -1.79
N TRP A 133 -20.10 5.37 -2.21
CA TRP A 133 -19.30 4.22 -2.70
C TRP A 133 -19.30 3.25 -1.51
N GLY A 134 -19.57 1.99 -1.78
CA GLY A 134 -19.63 0.96 -0.75
C GLY A 134 -18.47 0.93 0.21
N ASN A 135 -17.25 1.01 -0.30
CA ASN A 135 -16.01 0.97 0.47
C ASN A 135 -15.87 2.09 1.48
N HIS A 136 -16.59 3.18 1.30
CA HIS A 136 -16.51 4.31 2.23
C HIS A 136 -16.84 3.90 3.67
N THR A 137 -17.85 3.07 3.82
CA THR A 137 -18.28 2.60 5.15
C THR A 137 -17.18 1.97 5.97
N PRO A 138 -16.67 0.83 5.53
CA PRO A 138 -15.61 0.10 6.22
C PRO A 138 -14.33 0.89 6.34
N ILE A 139 -14.05 1.79 5.40
CA ILE A 139 -12.84 2.59 5.46
C ILE A 139 -12.83 3.37 6.77
N PHE A 140 -13.91 4.12 6.94
CA PHE A 140 -14.12 4.99 8.08
C PHE A 140 -14.35 4.20 9.35
N ARG A 141 -15.09 3.12 9.24
CA ARG A 141 -15.41 2.24 10.36
C ARG A 141 -14.16 1.57 10.92
N ASP A 142 -13.35 1.03 10.03
CA ASP A 142 -12.11 0.35 10.38
C ASP A 142 -11.13 1.35 11.02
N ALA A 143 -11.18 2.59 10.57
CA ALA A 143 -10.29 3.62 11.13
C ALA A 143 -10.67 4.03 12.56
N GLY A 144 -11.89 3.73 12.95
CA GLY A 144 -12.35 4.06 14.31
C GLY A 144 -13.30 5.24 14.38
N LEU A 145 -13.85 5.67 13.27
CA LEU A 145 -14.80 6.79 13.24
C LEU A 145 -16.23 6.23 13.20
N GLN A 146 -17.18 7.08 13.50
CA GLN A 146 -18.62 6.76 13.53
C GLN A 146 -19.23 7.30 12.23
N LEU A 147 -20.11 6.55 11.62
CA LEU A 147 -20.75 6.92 10.36
C LEU A 147 -22.15 7.51 10.56
N GLN A 148 -22.39 8.57 9.80
CA GLN A 148 -23.69 9.26 9.76
C GLN A 148 -24.01 9.43 8.27
N ALA A 149 -25.18 9.93 7.95
CA ALA A 149 -25.59 10.10 6.54
C ALA A 149 -26.39 11.38 6.40
N TYR A 150 -26.42 11.84 5.18
CA TYR A 150 -27.20 13.03 4.81
C TYR A 150 -27.85 12.62 3.47
N ARG A 151 -29.06 13.10 3.29
CA ARG A 151 -29.82 12.81 2.09
C ARG A 151 -29.04 13.39 0.90
N TYR A 152 -29.06 12.63 -0.16
CA TYR A 152 -28.37 13.04 -1.39
C TYR A 152 -29.16 12.69 -2.65
N TYR A 153 -29.34 11.41 -2.88
CA TYR A 153 -30.04 10.89 -4.05
C TYR A 153 -31.57 10.87 -3.84
N ASP A 154 -32.26 11.29 -4.88
CA ASP A 154 -33.73 11.33 -4.95
C ASP A 154 -34.20 10.27 -5.96
N PRO A 155 -34.69 9.16 -5.45
CA PRO A 155 -35.15 8.04 -6.25
C PRO A 155 -36.33 8.37 -7.15
N LYS A 156 -37.08 9.36 -6.71
CA LYS A 156 -38.28 9.84 -7.41
C LYS A 156 -37.94 10.37 -8.79
N THR A 157 -36.91 11.19 -8.83
CA THR A 157 -36.45 11.83 -10.06
C THR A 157 -35.09 11.38 -10.58
N CYS A 158 -34.43 10.48 -9.86
CA CYS A 158 -33.10 9.99 -10.26
C CYS A 158 -32.13 11.16 -10.37
N SER A 159 -32.27 12.09 -9.43
CA SER A 159 -31.42 13.27 -9.35
C SER A 159 -31.15 13.67 -7.90
N LEU A 160 -30.60 14.86 -7.72
CA LEU A 160 -30.25 15.36 -6.40
C LEU A 160 -31.42 15.87 -5.56
N ASP A 161 -31.47 15.37 -4.35
CA ASP A 161 -32.51 15.77 -3.37
C ASP A 161 -31.88 16.97 -2.64
N PHE A 162 -31.89 18.09 -3.34
CA PHE A 162 -31.34 19.34 -2.83
C PHE A 162 -31.94 19.79 -1.52
N THR A 163 -33.23 19.62 -1.35
CA THR A 163 -33.97 19.99 -0.15
C THR A 163 -33.57 19.18 1.07
N GLY A 164 -33.49 17.88 0.87
CA GLY A 164 -33.12 16.89 1.89
C GLY A 164 -31.66 17.11 2.28
N ALA A 165 -30.79 17.21 1.29
CA ALA A 165 -29.35 17.45 1.53
C ALA A 165 -29.20 18.69 2.42
N MET A 166 -29.77 19.79 1.97
CA MET A 166 -29.72 21.07 2.65
C MET A 166 -30.31 21.08 4.06
N GLU A 167 -31.34 20.31 4.24
CA GLU A 167 -32.05 20.16 5.51
C GLU A 167 -31.19 19.35 6.46
N ASP A 168 -30.63 18.27 5.96
CA ASP A 168 -29.75 17.37 6.72
C ASP A 168 -28.47 18.08 7.16
N ILE A 169 -27.82 18.74 6.23
CA ILE A 169 -26.54 19.43 6.47
C ILE A 169 -26.64 20.55 7.47
N SER A 170 -27.79 21.20 7.50
CA SER A 170 -28.10 22.33 8.36
C SER A 170 -28.24 21.97 9.83
N LYS A 171 -28.42 20.69 10.08
CA LYS A 171 -28.61 20.16 11.42
C LYS A 171 -27.40 19.39 11.90
N ILE A 172 -26.34 19.43 11.13
CA ILE A 172 -25.11 18.72 11.52
C ILE A 172 -24.43 19.62 12.57
N PRO A 173 -24.17 19.01 13.71
CA PRO A 173 -23.47 19.70 14.81
C PRO A 173 -22.15 20.27 14.27
N GLU A 174 -21.85 21.47 14.72
CA GLU A 174 -20.61 22.15 14.30
C GLU A 174 -19.40 21.25 14.55
N LYS A 175 -18.38 21.40 13.70
CA LYS A 175 -17.13 20.66 13.79
C LYS A 175 -17.18 19.17 13.56
N SER A 176 -18.19 18.73 12.84
CA SER A 176 -18.38 17.33 12.44
C SER A 176 -17.67 17.24 11.07
N ILE A 177 -17.51 16.01 10.62
CA ILE A 177 -16.88 15.73 9.33
C ILE A 177 -17.90 15.32 8.27
N ILE A 178 -17.78 15.92 7.11
CA ILE A 178 -18.67 15.62 5.98
C ILE A 178 -17.87 15.24 4.75
N LEU A 179 -18.24 14.10 4.18
CA LEU A 179 -17.57 13.60 2.98
C LEU A 179 -18.31 14.05 1.73
N LEU A 180 -17.57 14.66 0.82
CA LEU A 180 -18.18 15.11 -0.45
C LEU A 180 -17.40 14.52 -1.63
N HIS A 181 -18.16 14.12 -2.63
CA HIS A 181 -17.55 13.59 -3.87
C HIS A 181 -17.33 14.85 -4.72
N ALA A 182 -16.10 15.14 -5.08
CA ALA A 182 -15.76 16.31 -5.89
C ALA A 182 -16.55 16.43 -7.18
N CYS A 183 -16.72 15.31 -7.85
CA CYS A 183 -17.43 15.16 -9.12
C CYS A 183 -17.61 13.67 -9.42
N ALA A 184 -18.51 13.37 -10.32
CA ALA A 184 -18.85 12.02 -10.76
C ALA A 184 -19.21 11.14 -9.58
N HIS A 185 -20.21 11.56 -8.83
CA HIS A 185 -20.69 10.82 -7.65
C HIS A 185 -20.79 9.33 -7.99
N ASN A 186 -20.28 8.55 -7.05
CA ASN A 186 -20.26 7.07 -7.13
C ASN A 186 -21.18 6.58 -6.01
N PRO A 187 -22.20 5.81 -6.32
CA PRO A 187 -22.53 5.30 -7.64
C PRO A 187 -23.63 5.85 -8.49
N THR A 188 -24.23 6.98 -8.19
CA THR A 188 -25.35 7.49 -8.98
C THR A 188 -25.08 8.33 -10.21
N GLY A 189 -23.96 9.01 -10.23
CA GLY A 189 -23.58 9.90 -11.33
C GLY A 189 -24.23 11.28 -11.15
N VAL A 190 -24.94 11.46 -10.05
CA VAL A 190 -25.62 12.72 -9.74
C VAL A 190 -24.73 13.65 -8.92
N ASP A 191 -24.42 14.79 -9.54
CA ASP A 191 -23.58 15.83 -8.94
C ASP A 191 -24.35 17.16 -8.84
N PRO A 192 -24.04 17.89 -7.78
CA PRO A 192 -24.64 19.22 -7.58
C PRO A 192 -24.18 20.09 -8.76
N ARG A 193 -25.00 21.08 -9.08
CA ARG A 193 -24.65 22.04 -10.15
C ARG A 193 -23.96 23.18 -9.39
N GLN A 194 -23.28 24.02 -10.10
CA GLN A 194 -22.56 25.16 -9.54
C GLN A 194 -23.28 25.92 -8.45
N GLU A 195 -24.51 26.34 -8.74
CA GLU A 195 -25.32 27.12 -7.83
C GLU A 195 -25.63 26.37 -6.55
N GLN A 196 -25.80 25.08 -6.73
CA GLN A 196 -26.08 24.17 -5.61
C GLN A 196 -24.83 24.04 -4.75
N TRP A 197 -23.68 23.95 -5.39
CA TRP A 197 -22.38 23.82 -4.72
C TRP A 197 -22.09 25.10 -3.93
N LYS A 198 -22.53 26.21 -4.45
CA LYS A 198 -22.32 27.50 -3.79
C LYS A 198 -23.11 27.57 -2.48
N GLU A 199 -24.28 26.97 -2.49
CA GLU A 199 -25.16 26.95 -1.31
C GLU A 199 -24.65 25.97 -0.29
N LEU A 200 -24.13 24.85 -0.77
CA LEU A 200 -23.57 23.80 0.08
C LEU A 200 -22.37 24.37 0.83
N ALA A 201 -21.52 25.07 0.09
CA ALA A 201 -20.30 25.67 0.64
C ALA A 201 -20.59 26.65 1.77
N SER A 202 -21.67 27.41 1.59
CA SER A 202 -22.07 28.42 2.54
C SER A 202 -22.50 27.78 3.86
N VAL A 203 -23.24 26.69 3.77
CA VAL A 203 -23.68 26.03 4.99
C VAL A 203 -22.50 25.31 5.65
N VAL A 204 -21.65 24.69 4.86
CA VAL A 204 -20.48 23.99 5.42
C VAL A 204 -19.61 24.99 6.18
N LYS A 205 -19.45 26.18 5.65
CA LYS A 205 -18.64 27.24 6.23
C LYS A 205 -19.20 27.78 7.56
N LYS A 206 -20.48 28.04 7.49
CA LYS A 206 -21.33 28.56 8.57
C LYS A 206 -21.42 27.61 9.74
N ARG A 207 -21.56 26.33 9.48
CA ARG A 207 -21.66 25.29 10.51
C ARG A 207 -20.27 24.78 10.93
N ASN A 208 -19.24 25.32 10.34
CA ASN A 208 -17.85 24.97 10.61
C ASN A 208 -17.54 23.48 10.64
N LEU A 209 -17.89 22.83 9.54
CA LEU A 209 -17.71 21.38 9.36
C LEU A 209 -16.36 21.19 8.64
N LEU A 210 -15.75 20.05 8.89
CA LEU A 210 -14.48 19.76 8.18
C LEU A 210 -14.96 19.03 6.92
N ALA A 211 -14.65 19.57 5.74
CA ALA A 211 -15.05 18.98 4.47
C ALA A 211 -13.95 18.04 3.96
N TYR A 212 -14.34 16.81 3.72
CA TYR A 212 -13.40 15.79 3.20
C TYR A 212 -13.83 15.46 1.78
N PHE A 213 -13.06 15.94 0.81
CA PHE A 213 -13.34 15.72 -0.60
C PHE A 213 -12.71 14.43 -1.12
N ASP A 214 -13.51 13.61 -1.79
CA ASP A 214 -13.06 12.37 -2.42
C ASP A 214 -13.07 12.71 -3.94
N MET A 215 -11.89 12.90 -4.48
CA MET A 215 -11.76 13.26 -5.90
C MET A 215 -11.11 12.14 -6.70
N ALA A 216 -11.95 11.19 -7.11
CA ALA A 216 -11.49 10.03 -7.86
C ALA A 216 -11.63 10.08 -9.35
N TYR A 217 -12.21 11.12 -9.89
CA TYR A 217 -12.43 11.20 -11.34
C TYR A 217 -12.09 12.55 -11.94
N GLN A 218 -11.04 13.22 -11.50
CA GLN A 218 -10.68 14.54 -12.04
C GLN A 218 -10.27 14.43 -13.50
N GLY A 219 -11.02 15.10 -14.36
CA GLY A 219 -10.77 15.14 -15.80
C GLY A 219 -11.49 14.06 -16.57
N PHE A 220 -11.76 12.95 -15.90
CA PHE A 220 -12.45 11.79 -16.42
C PHE A 220 -13.97 11.98 -16.46
N ALA A 221 -14.49 12.88 -15.66
CA ALA A 221 -15.92 13.16 -15.56
C ALA A 221 -16.46 13.95 -16.75
N SER A 222 -15.95 15.15 -16.90
CA SER A 222 -16.35 16.05 -17.99
C SER A 222 -15.30 16.25 -19.07
N GLY A 223 -14.11 15.71 -18.87
CA GLY A 223 -13.04 15.89 -19.86
C GLY A 223 -12.23 17.13 -19.60
N ASP A 224 -12.60 17.92 -18.60
CA ASP A 224 -11.86 19.16 -18.27
C ASP A 224 -11.38 19.13 -16.82
N ILE A 225 -10.07 19.11 -16.63
CA ILE A 225 -9.45 19.09 -15.32
C ILE A 225 -9.85 20.20 -14.37
N ASN A 226 -10.06 21.39 -14.88
CA ASN A 226 -10.45 22.58 -14.11
C ASN A 226 -11.89 22.57 -13.62
N ARG A 227 -12.78 22.14 -14.50
CA ARG A 227 -14.22 22.08 -14.24
C ARG A 227 -14.48 20.96 -13.22
N ASP A 228 -13.75 19.87 -13.39
CA ASP A 228 -13.92 18.73 -12.45
C ASP A 228 -13.54 19.12 -11.04
N ALA A 229 -12.57 20.00 -10.85
CA ALA A 229 -12.11 20.44 -9.54
C ALA A 229 -12.72 21.75 -9.05
N TRP A 230 -13.69 22.26 -9.78
CA TRP A 230 -14.36 23.52 -9.49
C TRP A 230 -14.87 23.66 -8.07
N ALA A 231 -15.66 22.68 -7.65
CA ALA A 231 -16.26 22.69 -6.31
C ALA A 231 -15.22 22.66 -5.19
N LEU A 232 -14.21 21.81 -5.38
CA LEU A 232 -13.14 21.68 -4.40
C LEU A 232 -12.47 23.04 -4.24
N ARG A 233 -12.13 23.62 -5.38
CA ARG A 233 -11.46 24.92 -5.43
C ARG A 233 -12.31 26.03 -4.86
N HIS A 234 -13.61 25.91 -5.03
CA HIS A 234 -14.57 26.89 -4.52
C HIS A 234 -14.63 26.88 -3.00
N PHE A 235 -14.63 25.70 -2.40
CA PHE A 235 -14.66 25.55 -0.93
C PHE A 235 -13.43 26.24 -0.35
N ILE A 236 -12.27 25.94 -0.92
CA ILE A 236 -10.99 26.49 -0.46
C ILE A 236 -10.97 28.01 -0.56
N GLU A 237 -11.53 28.52 -1.63
CA GLU A 237 -11.61 29.95 -1.92
C GLU A 237 -12.47 30.67 -0.90
N GLN A 238 -13.54 29.99 -0.51
CA GLN A 238 -14.49 30.51 0.48
C GLN A 238 -13.92 30.43 1.89
N GLY A 239 -12.70 29.94 2.07
CA GLY A 239 -12.09 29.82 3.40
C GLY A 239 -12.30 28.53 4.15
N ILE A 240 -12.69 27.48 3.47
CA ILE A 240 -12.90 26.15 4.08
C ILE A 240 -11.61 25.38 3.83
N ASP A 241 -10.92 25.03 4.90
CA ASP A 241 -9.65 24.26 4.73
C ASP A 241 -10.08 22.79 4.72
N VAL A 242 -10.14 22.22 3.54
CA VAL A 242 -10.55 20.81 3.38
C VAL A 242 -9.36 19.86 3.52
N VAL A 243 -9.68 18.59 3.44
CA VAL A 243 -8.81 17.43 3.40
C VAL A 243 -9.26 16.78 2.08
N LEU A 244 -8.39 16.12 1.37
CA LEU A 244 -8.76 15.57 0.05
C LEU A 244 -7.97 14.30 -0.30
N SER A 245 -8.64 13.41 -0.99
CA SER A 245 -8.09 12.17 -1.50
C SER A 245 -8.20 12.24 -3.03
N GLN A 246 -7.12 11.94 -3.71
CA GLN A 246 -7.04 11.93 -5.17
C GLN A 246 -6.63 10.53 -5.66
N SER A 247 -7.23 10.09 -6.75
CA SER A 247 -6.92 8.81 -7.36
C SER A 247 -6.53 9.08 -8.82
N TYR A 248 -5.59 8.29 -9.33
CA TYR A 248 -5.15 8.41 -10.73
C TYR A 248 -5.54 7.10 -11.45
N ALA A 249 -6.35 6.29 -10.79
CA ALA A 249 -6.79 5.01 -11.30
C ALA A 249 -7.49 5.13 -12.65
N LYS A 250 -8.46 6.02 -12.70
CA LYS A 250 -9.27 6.25 -13.87
C LYS A 250 -8.76 7.24 -14.90
N ASN A 251 -8.42 8.43 -14.45
CA ASN A 251 -7.95 9.53 -15.26
C ASN A 251 -6.68 9.21 -16.00
N MET A 252 -5.88 8.32 -15.47
CA MET A 252 -4.61 7.94 -16.14
C MET A 252 -4.56 6.46 -16.45
N GLY A 253 -5.58 5.73 -16.10
CA GLY A 253 -5.74 4.27 -16.28
C GLY A 253 -4.64 3.51 -15.54
N LEU A 254 -4.18 4.08 -14.44
CA LEU A 254 -3.11 3.49 -13.62
C LEU A 254 -3.59 2.41 -12.68
N TYR A 255 -4.87 2.08 -12.71
CA TYR A 255 -5.52 1.08 -11.90
C TYR A 255 -4.67 0.29 -10.91
N GLY A 256 -3.93 -0.68 -11.40
CA GLY A 256 -3.11 -1.58 -10.62
C GLY A 256 -1.80 -1.08 -10.09
N GLU A 257 -1.37 0.06 -10.58
CA GLU A 257 -0.11 0.68 -10.17
C GLU A 257 -0.25 1.40 -8.83
N ARG A 258 -1.47 1.69 -8.46
CA ARG A 258 -1.87 2.35 -7.24
C ARG A 258 -1.24 3.70 -6.94
N ALA A 259 -1.53 4.70 -7.75
CA ALA A 259 -1.04 6.06 -7.57
C ALA A 259 -2.18 6.94 -7.06
N GLY A 260 -1.95 7.58 -5.93
CA GLY A 260 -2.93 8.49 -5.30
C GLY A 260 -2.20 9.40 -4.32
N ALA A 261 -2.93 10.32 -3.70
CA ALA A 261 -2.32 11.26 -2.73
C ALA A 261 -3.38 11.75 -1.76
N PHE A 262 -2.94 12.10 -0.56
CA PHE A 262 -3.85 12.59 0.50
C PHE A 262 -3.39 14.01 0.78
N THR A 263 -4.27 14.97 0.86
CA THR A 263 -3.81 16.36 1.10
C THR A 263 -4.56 17.01 2.25
N VAL A 264 -3.86 17.82 3.03
CA VAL A 264 -4.47 18.56 4.14
C VAL A 264 -4.22 20.05 3.87
N ILE A 265 -5.27 20.86 3.89
CA ILE A 265 -5.05 22.31 3.70
C ILE A 265 -4.87 22.82 5.14
N CYS A 266 -3.78 23.51 5.34
CA CYS A 266 -3.36 24.05 6.63
C CYS A 266 -3.43 25.57 6.64
N ARG A 267 -3.25 26.05 7.86
CA ARG A 267 -3.26 27.49 8.14
C ARG A 267 -2.10 28.17 7.43
N ASP A 268 -0.93 27.57 7.50
CA ASP A 268 0.28 28.12 6.87
C ASP A 268 1.27 26.99 6.62
N ALA A 269 2.39 27.37 6.02
CA ALA A 269 3.46 26.43 5.67
C ALA A 269 4.06 25.77 6.91
N GLU A 270 4.02 26.50 8.01
CA GLU A 270 4.55 26.07 9.30
C GLU A 270 3.74 24.85 9.80
N GLU A 271 2.45 25.10 9.89
CA GLU A 271 1.48 24.12 10.35
C GLU A 271 1.54 22.89 9.46
N ALA A 272 1.78 23.10 8.18
CA ALA A 272 1.89 22.05 7.17
C ALA A 272 3.03 21.08 7.46
N LYS A 273 4.15 21.56 7.93
CA LYS A 273 5.32 20.74 8.26
C LYS A 273 5.09 19.80 9.44
N ARG A 274 4.34 20.29 10.39
CA ARG A 274 3.98 19.57 11.63
C ARG A 274 3.02 18.44 11.29
N VAL A 275 1.98 18.82 10.56
CA VAL A 275 0.97 17.84 10.12
C VAL A 275 1.68 16.76 9.29
N GLU A 276 2.58 17.21 8.42
CA GLU A 276 3.35 16.31 7.55
C GLU A 276 4.18 15.33 8.38
N SER A 277 4.72 15.80 9.47
CA SER A 277 5.52 14.93 10.35
C SER A 277 4.68 13.84 10.99
N GLN A 278 3.46 14.18 11.35
CA GLN A 278 2.47 13.29 11.95
C GLN A 278 1.94 12.27 10.93
N LEU A 279 1.79 12.64 9.69
CA LEU A 279 1.35 11.74 8.62
C LEU A 279 2.44 10.69 8.41
N LYS A 280 3.70 11.12 8.42
CA LYS A 280 4.83 10.21 8.27
C LYS A 280 4.85 9.19 9.38
N ILE A 281 4.55 9.62 10.60
CA ILE A 281 4.52 8.73 11.78
C ILE A 281 3.44 7.66 11.69
N LEU A 282 2.36 8.01 11.03
CA LEU A 282 1.17 7.18 10.81
C LEU A 282 1.39 6.13 9.72
N ILE A 283 1.99 6.55 8.63
CA ILE A 283 2.25 5.72 7.47
C ILE A 283 3.35 4.68 7.64
N ARG A 284 4.43 5.03 8.32
CA ARG A 284 5.56 4.11 8.52
C ARG A 284 5.13 2.73 8.94
N PRO A 285 4.36 2.68 10.02
CA PRO A 285 3.85 1.42 10.58
C PRO A 285 2.67 0.85 9.81
N MET A 286 2.30 1.45 8.70
CA MET A 286 1.20 0.97 7.84
C MET A 286 1.84 0.13 6.71
N TYR A 287 2.76 0.76 5.99
CA TYR A 287 3.44 0.12 4.88
C TYR A 287 4.85 0.67 4.67
N SER A 288 5.32 1.50 5.58
CA SER A 288 6.69 2.03 5.46
C SER A 288 6.96 3.07 4.40
N ASN A 289 6.75 2.74 3.14
CA ASN A 289 6.96 3.71 2.02
C ASN A 289 6.10 3.23 0.86
N PRO A 290 5.70 4.15 -0.01
CA PRO A 290 4.81 3.82 -1.13
C PRO A 290 5.40 3.23 -2.39
N PRO A 291 4.55 2.52 -3.13
CA PRO A 291 4.95 1.88 -4.40
C PRO A 291 5.34 2.99 -5.37
N MET A 292 6.51 2.82 -5.95
CA MET A 292 7.11 3.77 -6.86
C MET A 292 6.69 3.82 -8.32
N ASN A 293 6.31 2.72 -8.93
CA ASN A 293 5.96 2.71 -10.35
C ASN A 293 4.91 3.72 -10.78
N GLY A 294 3.74 3.64 -10.17
CA GLY A 294 2.61 4.52 -10.50
C GLY A 294 2.96 5.98 -10.34
N ALA A 295 3.63 6.30 -9.25
CA ALA A 295 4.04 7.69 -8.95
C ALA A 295 5.00 8.23 -10.01
N ARG A 296 5.95 7.38 -10.41
CA ARG A 296 6.95 7.72 -11.41
C ARG A 296 6.28 8.06 -12.75
N ILE A 297 5.34 7.23 -13.16
CA ILE A 297 4.60 7.44 -14.42
C ILE A 297 3.77 8.72 -14.34
N ALA A 298 3.04 8.85 -13.24
CA ALA A 298 2.18 10.00 -13.01
C ALA A 298 2.99 11.28 -12.97
N SER A 299 4.09 11.32 -12.26
CA SER A 299 4.94 12.51 -12.15
C SER A 299 5.50 13.00 -13.49
N LEU A 300 5.90 12.06 -14.30
CA LEU A 300 6.48 12.27 -15.64
C LEU A 300 5.48 12.91 -16.57
N ILE A 301 4.26 12.38 -16.52
CA ILE A 301 3.16 12.90 -17.34
C ILE A 301 2.83 14.34 -17.01
N LEU A 302 2.60 14.59 -15.74
CA LEU A 302 2.23 15.89 -15.19
C LEU A 302 3.33 16.94 -15.33
N ASN A 303 4.56 16.48 -15.18
CA ASN A 303 5.74 17.31 -15.21
C ASN A 303 6.41 17.49 -16.56
N THR A 304 5.99 16.77 -17.57
CA THR A 304 6.54 16.88 -18.94
C THR A 304 5.40 17.43 -19.81
N PRO A 305 5.57 18.67 -20.24
CA PRO A 305 4.57 19.38 -21.05
C PRO A 305 4.07 18.64 -22.27
N GLU A 306 5.00 17.98 -22.95
CA GLU A 306 4.67 17.22 -24.16
C GLU A 306 3.67 16.13 -23.78
N LEU A 307 3.96 15.45 -22.69
CA LEU A 307 3.13 14.35 -22.19
C LEU A 307 1.85 14.80 -21.53
N ARG A 308 1.95 15.90 -20.79
CA ARG A 308 0.76 16.42 -20.06
C ARG A 308 -0.31 16.82 -21.06
N LYS A 309 0.19 17.36 -22.14
CA LYS A 309 -0.62 17.84 -23.27
C LYS A 309 -1.36 16.66 -23.87
N GLU A 310 -0.60 15.60 -24.12
CA GLU A 310 -1.20 14.38 -24.70
C GLU A 310 -2.16 13.72 -23.73
N TRP A 311 -1.89 13.81 -22.44
CA TRP A 311 -2.76 13.22 -21.41
C TRP A 311 -4.14 13.87 -21.46
N LEU A 312 -4.16 15.19 -21.50
CA LEU A 312 -5.41 15.97 -21.55
C LEU A 312 -6.28 15.60 -22.74
N VAL A 313 -5.69 15.32 -23.88
CA VAL A 313 -6.48 14.93 -25.06
C VAL A 313 -7.08 13.54 -24.79
N GLU A 314 -6.21 12.68 -24.27
CA GLU A 314 -6.60 11.31 -23.96
C GLU A 314 -7.69 11.19 -22.90
N VAL A 315 -7.55 11.97 -21.82
CA VAL A 315 -8.57 11.91 -20.77
C VAL A 315 -9.89 12.45 -21.33
N LYS A 316 -9.76 13.45 -22.18
CA LYS A 316 -10.91 14.06 -22.82
C LYS A 316 -11.62 13.03 -23.70
N GLY A 317 -10.86 12.21 -24.39
CA GLY A 317 -11.43 11.17 -25.27
C GLY A 317 -12.27 10.18 -24.47
N MET A 318 -11.74 9.82 -23.31
CA MET A 318 -12.39 8.88 -22.39
C MET A 318 -13.73 9.48 -21.99
N ALA A 319 -13.68 10.68 -21.47
CA ALA A 319 -14.88 11.40 -21.02
C ALA A 319 -15.93 11.50 -22.12
N ASP A 320 -15.51 11.92 -23.29
CA ASP A 320 -16.36 12.09 -24.48
C ASP A 320 -17.04 10.78 -24.89
N ARG A 321 -16.31 9.68 -24.80
CA ARG A 321 -16.88 8.39 -25.17
C ARG A 321 -18.06 8.03 -24.28
N ILE A 322 -17.90 8.31 -23.00
CA ILE A 322 -18.92 8.03 -22.00
C ILE A 322 -20.15 8.91 -22.19
N ILE A 323 -19.90 10.18 -22.43
CA ILE A 323 -21.00 11.16 -22.63
C ILE A 323 -21.78 10.68 -23.87
N SER A 324 -21.01 10.38 -24.88
CA SER A 324 -21.49 9.90 -26.17
C SER A 324 -22.48 8.75 -25.99
N MET A 325 -22.09 7.78 -25.19
CA MET A 325 -22.90 6.61 -24.91
C MET A 325 -24.16 6.98 -24.15
N ARG A 326 -24.09 8.00 -23.31
CA ARG A 326 -25.23 8.44 -22.49
C ARG A 326 -26.28 9.11 -23.42
N THR A 327 -25.74 9.87 -24.33
CA THR A 327 -26.48 10.64 -25.34
C THR A 327 -27.20 9.62 -26.23
N GLN A 328 -26.40 8.75 -26.80
CA GLN A 328 -26.89 7.69 -27.69
C GLN A 328 -27.90 6.77 -27.03
N LEU A 329 -27.78 6.53 -25.75
CA LEU A 329 -28.71 5.65 -25.05
C LEU A 329 -30.08 6.32 -24.97
N VAL A 330 -30.06 7.60 -24.64
CA VAL A 330 -31.31 8.37 -24.51
C VAL A 330 -32.05 8.50 -25.84
N SER A 331 -31.29 8.81 -26.87
CA SER A 331 -31.77 8.96 -28.24
C SER A 331 -32.42 7.68 -28.75
N ASN A 332 -31.77 6.56 -28.55
CA ASN A 332 -32.31 5.26 -28.98
C ASN A 332 -33.54 4.83 -28.20
N LEU A 333 -33.68 5.30 -26.98
CA LEU A 333 -34.84 4.91 -26.15
C LEU A 333 -36.10 5.61 -26.68
N LYS A 334 -35.83 6.74 -27.31
CA LYS A 334 -36.92 7.56 -27.87
C LYS A 334 -37.33 6.90 -29.19
N LYS A 335 -36.30 6.60 -29.95
CA LYS A 335 -36.37 5.97 -31.26
C LYS A 335 -37.14 4.64 -31.16
N GLU A 336 -37.14 4.07 -29.97
CA GLU A 336 -37.79 2.79 -29.69
C GLU A 336 -39.24 2.97 -29.30
N GLY A 337 -39.58 4.23 -29.03
CA GLY A 337 -40.94 4.60 -28.61
C GLY A 337 -41.09 4.55 -27.10
N SER A 338 -39.99 4.84 -26.41
CA SER A 338 -40.01 4.86 -24.95
C SER A 338 -40.75 6.17 -24.59
N SER A 339 -41.78 5.99 -23.79
CA SER A 339 -42.61 7.11 -23.33
C SER A 339 -42.03 7.74 -22.07
N HIS A 340 -41.10 7.04 -21.44
CA HIS A 340 -40.48 7.55 -20.22
C HIS A 340 -39.47 8.67 -20.42
N ASN A 341 -39.24 9.32 -19.30
CA ASN A 341 -38.29 10.46 -19.21
C ASN A 341 -36.93 9.85 -18.83
N TRP A 342 -36.02 9.90 -19.77
CA TRP A 342 -34.68 9.31 -19.56
C TRP A 342 -33.59 10.37 -19.45
N GLN A 343 -33.99 11.56 -19.10
CA GLN A 343 -33.13 12.73 -18.94
C GLN A 343 -31.99 12.49 -17.93
N HIS A 344 -32.31 11.90 -16.80
CA HIS A 344 -31.28 11.67 -15.77
C HIS A 344 -30.04 11.03 -16.37
N ILE A 345 -30.22 10.20 -17.38
CA ILE A 345 -29.14 9.51 -18.07
C ILE A 345 -28.11 10.48 -18.64
N THR A 346 -28.61 11.59 -19.15
CA THR A 346 -27.73 12.60 -19.74
C THR A 346 -27.33 13.69 -18.76
N ASP A 347 -28.09 13.79 -17.69
CA ASP A 347 -27.85 14.76 -16.61
C ASP A 347 -26.72 14.23 -15.72
N GLN A 348 -26.71 12.91 -15.53
CA GLN A 348 -25.69 12.25 -14.71
C GLN A 348 -24.31 12.42 -15.36
N ILE A 349 -23.29 12.30 -14.52
CA ILE A 349 -21.90 12.48 -14.89
C ILE A 349 -20.99 11.34 -14.42
N GLY A 350 -20.09 10.95 -15.30
CA GLY A 350 -19.08 9.93 -15.09
C GLY A 350 -19.45 8.54 -15.55
N MET A 351 -18.72 7.58 -15.02
CA MET A 351 -18.84 6.16 -15.29
C MET A 351 -20.09 5.47 -14.79
N PHE A 352 -20.67 5.91 -13.69
CA PHE A 352 -21.86 5.21 -13.14
C PHE A 352 -23.12 6.00 -13.38
N CYS A 353 -24.18 5.23 -13.60
CA CYS A 353 -25.51 5.82 -13.88
C CYS A 353 -26.57 5.07 -13.09
N PHE A 354 -27.37 5.82 -12.37
CA PHE A 354 -28.47 5.17 -11.59
C PHE A 354 -29.62 5.29 -12.62
N THR A 355 -29.99 4.18 -13.21
CA THR A 355 -31.02 4.13 -14.23
C THR A 355 -32.45 4.31 -13.76
N GLY A 356 -32.73 3.87 -12.54
CA GLY A 356 -34.07 3.94 -11.96
C GLY A 356 -34.80 2.61 -12.17
N LEU A 357 -34.24 1.70 -12.94
CA LEU A 357 -34.81 0.37 -13.19
C LEU A 357 -34.99 -0.35 -11.83
N LYS A 358 -36.11 -1.03 -11.69
CA LYS A 358 -36.41 -1.76 -10.45
C LYS A 358 -35.83 -3.16 -10.49
N PRO A 359 -35.65 -3.76 -9.32
CA PRO A 359 -35.08 -5.10 -9.18
C PRO A 359 -35.60 -6.20 -10.07
N GLU A 360 -36.87 -6.15 -10.39
CA GLU A 360 -37.52 -7.16 -11.24
C GLU A 360 -37.21 -6.96 -12.72
N GLN A 361 -37.01 -5.69 -13.05
CA GLN A 361 -36.69 -5.26 -14.42
C GLN A 361 -35.26 -5.67 -14.77
N VAL A 362 -34.40 -5.50 -13.78
CA VAL A 362 -32.98 -5.86 -13.85
C VAL A 362 -32.90 -7.37 -14.10
N GLU A 363 -33.70 -8.12 -13.33
CA GLU A 363 -33.73 -9.58 -13.44
C GLU A 363 -34.01 -10.01 -14.87
N ARG A 364 -35.01 -9.39 -15.44
CA ARG A 364 -35.44 -9.68 -16.84
C ARG A 364 -34.31 -9.38 -17.82
N LEU A 365 -33.67 -8.25 -17.61
CA LEU A 365 -32.58 -7.78 -18.49
C LEU A 365 -31.48 -8.84 -18.46
N THR A 366 -31.29 -9.38 -17.25
CA THR A 366 -30.26 -10.40 -17.08
C THR A 366 -30.70 -11.73 -17.67
N LYS A 367 -31.85 -12.16 -17.20
CA LYS A 367 -32.44 -13.43 -17.60
C LYS A 367 -32.73 -13.55 -19.08
N GLU A 368 -33.41 -12.55 -19.62
CA GLU A 368 -33.78 -12.54 -21.03
C GLU A 368 -32.87 -11.85 -22.02
N PHE A 369 -32.17 -10.81 -21.59
CA PHE A 369 -31.31 -10.08 -22.52
C PHE A 369 -29.81 -10.25 -22.37
N SER A 370 -29.39 -10.97 -21.36
CA SER A 370 -27.97 -11.19 -21.11
C SER A 370 -27.24 -9.86 -20.88
N ILE A 371 -27.90 -9.00 -20.14
CA ILE A 371 -27.34 -7.68 -19.76
C ILE A 371 -27.16 -7.77 -18.24
N TYR A 372 -25.91 -7.79 -17.85
CA TYR A 372 -25.48 -7.94 -16.45
C TYR A 372 -25.16 -6.62 -15.76
N MET A 373 -25.88 -6.41 -14.69
CA MET A 373 -25.81 -5.22 -13.82
C MET A 373 -26.26 -5.65 -12.42
N THR A 374 -26.11 -4.77 -11.46
CA THR A 374 -26.54 -5.05 -10.07
C THR A 374 -28.00 -4.63 -9.95
N LYS A 375 -28.70 -5.20 -8.98
CA LYS A 375 -30.10 -5.01 -8.69
C LYS A 375 -30.56 -3.63 -8.29
N ASP A 376 -29.60 -2.76 -8.10
CA ASP A 376 -29.85 -1.38 -7.68
C ASP A 376 -30.16 -0.49 -8.88
N GLY A 377 -30.12 -1.06 -10.06
CA GLY A 377 -30.37 -0.28 -11.28
C GLY A 377 -29.13 0.53 -11.69
N ARG A 378 -28.01 0.23 -11.06
CA ARG A 378 -26.74 0.92 -11.38
C ARG A 378 -26.05 0.24 -12.57
N ILE A 379 -25.59 1.03 -13.52
CA ILE A 379 -24.87 0.54 -14.68
C ILE A 379 -23.55 1.31 -14.84
N SER A 380 -22.57 0.58 -15.34
CA SER A 380 -21.27 1.19 -15.62
C SER A 380 -21.35 1.50 -17.13
N VAL A 381 -21.30 2.78 -17.44
CA VAL A 381 -21.38 3.25 -18.82
C VAL A 381 -20.20 2.77 -19.66
N ALA A 382 -19.18 2.25 -18.98
CA ALA A 382 -17.98 1.76 -19.64
C ALA A 382 -18.26 0.49 -20.44
N GLY A 383 -19.21 -0.29 -19.99
CA GLY A 383 -19.63 -1.54 -20.63
C GLY A 383 -20.42 -1.32 -21.92
N VAL A 384 -20.76 -0.09 -22.20
CA VAL A 384 -21.54 0.29 -23.39
C VAL A 384 -20.61 0.74 -24.50
N ALA A 385 -20.89 0.24 -25.70
CA ALA A 385 -20.12 0.57 -26.91
C ALA A 385 -21.07 0.98 -28.03
N SER A 386 -20.52 1.56 -29.07
CA SER A 386 -21.31 2.05 -30.21
C SER A 386 -22.08 0.88 -30.81
N SER A 387 -21.46 -0.28 -30.75
CA SER A 387 -22.00 -1.53 -31.28
C SER A 387 -23.15 -2.14 -30.51
N ASN A 388 -23.29 -1.82 -29.23
CA ASN A 388 -24.37 -2.41 -28.43
C ASN A 388 -25.32 -1.45 -27.75
N VAL A 389 -25.07 -0.16 -27.88
CA VAL A 389 -25.94 0.85 -27.25
C VAL A 389 -27.38 0.70 -27.73
N GLY A 390 -27.53 0.31 -28.98
CA GLY A 390 -28.83 0.13 -29.63
C GLY A 390 -29.64 -1.00 -28.99
N TYR A 391 -28.90 -2.08 -28.71
CA TYR A 391 -29.45 -3.28 -28.10
C TYR A 391 -29.92 -2.99 -26.68
N LEU A 392 -29.07 -2.25 -25.98
CA LEU A 392 -29.37 -1.86 -24.59
C LEU A 392 -30.67 -1.04 -24.58
N ALA A 393 -30.77 -0.10 -25.50
CA ALA A 393 -31.93 0.79 -25.61
C ALA A 393 -33.17 -0.09 -25.80
N HIS A 394 -32.97 -1.04 -26.70
CA HIS A 394 -34.02 -2.03 -27.04
C HIS A 394 -34.50 -2.77 -25.80
N ALA A 395 -33.54 -3.37 -25.12
CA ALA A 395 -33.79 -4.16 -23.91
C ALA A 395 -34.45 -3.35 -22.80
N ILE A 396 -34.01 -2.13 -22.58
CA ILE A 396 -34.56 -1.28 -21.52
C ILE A 396 -36.03 -0.98 -21.83
N HIS A 397 -36.25 -0.69 -23.10
CA HIS A 397 -37.60 -0.41 -23.60
C HIS A 397 -38.51 -1.58 -23.29
N GLN A 398 -38.12 -2.77 -23.73
CA GLN A 398 -38.91 -3.98 -23.52
C GLN A 398 -39.30 -4.29 -22.08
N VAL A 399 -38.41 -4.04 -21.14
CA VAL A 399 -38.67 -4.33 -19.74
C VAL A 399 -39.37 -3.23 -18.96
N THR A 400 -39.52 -2.07 -19.57
CA THR A 400 -40.18 -0.94 -18.89
C THR A 400 -41.42 -0.45 -19.63
N LYS A 401 -41.63 -0.91 -20.85
CA LYS A 401 -42.78 -0.49 -21.66
C LYS A 401 -44.11 -0.85 -21.02
N SER B 1 -11.40 27.58 10.70
CA SER B 1 -10.29 26.61 10.60
C SER B 1 -9.74 26.31 12.00
N SER B 2 -8.41 26.35 12.07
CA SER B 2 -7.66 26.11 13.29
C SER B 2 -7.87 24.68 13.78
N TRP B 3 -8.11 23.81 12.80
CA TRP B 3 -8.33 22.38 13.05
C TRP B 3 -7.04 21.72 13.57
N TRP B 4 -5.90 22.19 13.08
CA TRP B 4 -4.61 21.61 13.41
C TRP B 4 -3.63 22.32 14.30
N SER B 5 -4.00 23.43 14.90
CA SER B 5 -3.14 24.24 15.76
C SER B 5 -2.39 23.44 16.81
N HIS B 6 -3.03 22.42 17.32
CA HIS B 6 -2.52 21.51 18.36
C HIS B 6 -1.70 20.33 17.89
N VAL B 7 -1.51 20.18 16.60
CA VAL B 7 -0.73 19.05 16.05
C VAL B 7 0.74 19.49 16.17
N GLU B 8 1.49 18.76 16.97
CA GLU B 8 2.90 19.08 17.18
C GLU B 8 3.87 18.30 16.31
N MET B 9 5.04 18.90 16.17
CA MET B 9 6.16 18.38 15.40
C MET B 9 6.54 17.02 16.03
N GLY B 10 6.63 16.05 15.16
CA GLY B 10 6.99 14.67 15.52
C GLY B 10 8.52 14.61 15.65
N PRO B 11 8.93 13.64 16.45
CA PRO B 11 10.35 13.41 16.69
C PRO B 11 11.08 13.10 15.38
N PRO B 12 12.28 13.66 15.33
CA PRO B 12 13.16 13.45 14.16
C PRO B 12 13.67 12.00 14.23
N ASP B 13 13.86 11.46 13.06
CA ASP B 13 14.35 10.07 12.87
C ASP B 13 15.88 10.17 12.87
N PRO B 14 16.50 9.35 13.72
CA PRO B 14 17.96 9.31 13.85
C PRO B 14 18.62 8.87 12.54
N ILE B 15 18.27 7.70 12.07
CA ILE B 15 18.82 7.13 10.83
C ILE B 15 18.85 8.21 9.74
N LEU B 16 17.76 8.94 9.71
CA LEU B 16 17.55 10.03 8.75
C LEU B 16 18.61 11.10 8.98
N GLY B 17 18.81 11.37 10.25
CA GLY B 17 19.78 12.36 10.71
C GLY B 17 21.23 12.05 10.32
N VAL B 18 21.64 10.80 10.36
CA VAL B 18 23.02 10.43 10.03
C VAL B 18 23.35 10.56 8.55
N THR B 19 22.36 10.19 7.77
CA THR B 19 22.44 10.22 6.30
C THR B 19 22.68 11.65 5.84
N GLU B 20 21.84 12.52 6.34
CA GLU B 20 21.84 13.95 6.09
C GLU B 20 23.13 14.65 6.51
N ALA B 21 23.62 14.27 7.67
CA ALA B 21 24.86 14.83 8.23
C ALA B 21 26.04 14.32 7.40
N PHE B 22 25.78 13.15 6.83
CA PHE B 22 26.76 12.45 5.99
C PHE B 22 26.95 13.22 4.69
N LYS B 23 25.83 13.58 4.11
CA LYS B 23 25.80 14.33 2.84
C LYS B 23 26.51 15.67 3.02
N ARG B 24 26.27 16.25 4.18
CA ARG B 24 26.85 17.55 4.57
C ARG B 24 28.32 17.45 4.97
N ASP B 25 29.01 16.44 4.49
CA ASP B 25 30.43 16.24 4.83
C ASP B 25 31.28 16.36 3.57
N THR B 26 32.46 16.93 3.75
CA THR B 26 33.44 17.17 2.71
C THR B 26 34.56 16.15 2.58
N ASN B 27 34.84 15.48 3.68
CA ASN B 27 35.90 14.44 3.72
C ASN B 27 35.53 13.46 2.60
N SER B 28 36.50 13.17 1.76
CA SER B 28 36.23 12.23 0.65
C SER B 28 36.30 10.82 1.22
N LYS B 29 36.75 10.78 2.46
CA LYS B 29 36.94 9.58 3.27
C LYS B 29 35.72 9.21 4.12
N LYS B 30 34.68 10.02 4.01
CA LYS B 30 33.45 9.81 4.77
C LYS B 30 32.76 8.51 4.35
N MET B 31 32.14 7.92 5.36
CA MET B 31 31.41 6.66 5.18
C MET B 31 30.06 6.78 5.84
N ASN B 32 29.06 6.22 5.17
CA ASN B 32 27.66 6.22 5.64
C ASN B 32 27.35 4.77 6.03
N LEU B 33 27.40 4.50 7.32
CA LEU B 33 27.10 3.14 7.81
C LEU B 33 25.68 3.06 8.32
N GLY B 34 24.85 4.00 7.90
CA GLY B 34 23.44 4.05 8.28
C GLY B 34 22.49 3.67 7.16
N VAL B 35 23.04 3.36 6.01
CA VAL B 35 22.31 2.95 4.80
C VAL B 35 21.56 1.64 5.01
N GLY B 36 20.25 1.71 4.83
CA GLY B 36 19.35 0.59 5.04
C GLY B 36 19.09 -0.26 3.82
N ALA B 37 19.92 -0.16 2.80
CA ALA B 37 19.73 -0.96 1.57
C ALA B 37 21.10 -1.46 1.14
N TYR B 38 21.10 -2.47 0.29
CA TYR B 38 22.34 -3.04 -0.22
C TYR B 38 23.00 -2.05 -1.19
N ARG B 39 24.32 -2.09 -1.16
CA ARG B 39 25.20 -1.25 -2.00
C ARG B 39 26.32 -2.17 -2.51
N ASP B 40 26.69 -1.97 -3.75
CA ASP B 40 27.75 -2.77 -4.36
C ASP B 40 29.09 -2.24 -3.86
N ASP B 41 30.14 -2.81 -4.42
CA ASP B 41 31.51 -2.46 -4.08
C ASP B 41 31.88 -1.02 -4.38
N ASN B 42 31.08 -0.36 -5.19
CA ASN B 42 31.36 1.05 -5.53
C ASN B 42 30.49 1.99 -4.69
N GLY B 43 29.65 1.43 -3.84
CA GLY B 43 28.77 2.24 -2.99
C GLY B 43 27.51 2.62 -3.78
N LYS B 44 27.22 1.87 -4.82
CA LYS B 44 26.04 2.15 -5.66
C LYS B 44 24.90 1.17 -5.51
N PRO B 45 23.69 1.69 -5.63
CA PRO B 45 22.45 0.86 -5.58
C PRO B 45 22.63 -0.21 -6.65
N TYR B 46 22.10 -1.39 -6.39
CA TYR B 46 22.24 -2.49 -7.35
C TYR B 46 20.91 -3.05 -7.84
N VAL B 47 20.59 -2.86 -9.11
CA VAL B 47 19.35 -3.45 -9.66
C VAL B 47 19.84 -4.79 -10.24
N LEU B 48 19.22 -5.89 -9.84
CA LEU B 48 19.63 -7.22 -10.31
C LEU B 48 19.42 -7.36 -11.80
N ASN B 49 20.23 -8.19 -12.43
CA ASN B 49 20.13 -8.46 -13.87
C ASN B 49 18.85 -9.22 -14.20
N CYS B 50 18.54 -10.16 -13.34
CA CYS B 50 17.32 -10.98 -13.57
C CYS B 50 16.11 -10.04 -13.49
N VAL B 51 16.22 -9.01 -12.69
CA VAL B 51 15.15 -8.02 -12.53
C VAL B 51 14.96 -7.21 -13.82
N ARG B 52 16.05 -6.75 -14.43
CA ARG B 52 16.05 -5.98 -15.66
C ARG B 52 15.51 -6.85 -16.80
N LYS B 53 15.81 -8.13 -16.78
CA LYS B 53 15.33 -9.07 -17.78
C LYS B 53 13.81 -9.24 -17.63
N ALA B 54 13.36 -9.36 -16.40
CA ALA B 54 11.93 -9.51 -16.11
C ALA B 54 11.13 -8.34 -16.67
N GLU B 55 11.63 -7.15 -16.41
CA GLU B 55 11.05 -5.88 -16.84
C GLU B 55 10.95 -5.78 -18.36
N ALA B 56 11.93 -6.34 -19.05
CA ALA B 56 12.00 -6.34 -20.51
C ALA B 56 10.94 -7.27 -21.08
N MET B 57 10.66 -8.33 -20.34
CA MET B 57 9.67 -9.34 -20.71
C MET B 57 8.26 -8.78 -20.53
N ILE B 58 8.08 -8.06 -19.44
CA ILE B 58 6.78 -7.46 -19.13
C ILE B 58 6.49 -6.37 -20.17
N ALA B 59 7.50 -5.56 -20.43
CA ALA B 59 7.38 -4.47 -21.41
C ALA B 59 6.97 -4.96 -22.77
N ALA B 60 7.58 -6.03 -23.23
CA ALA B 60 7.38 -6.66 -24.52
C ALA B 60 5.99 -7.23 -24.78
N LYS B 61 5.31 -7.61 -23.72
CA LYS B 61 3.99 -8.20 -23.72
C LYS B 61 2.84 -7.19 -23.77
N LYS B 62 3.19 -5.95 -23.56
CA LYS B 62 2.18 -4.86 -23.55
C LYS B 62 1.04 -5.24 -22.60
N MET B 63 1.36 -5.48 -21.35
CA MET B 63 0.32 -5.85 -20.35
C MET B 63 -0.53 -4.63 -20.00
N ASP B 64 -1.72 -4.95 -19.51
CA ASP B 64 -2.72 -3.97 -19.08
C ASP B 64 -2.33 -3.59 -17.66
N LYS B 65 -3.05 -2.64 -17.11
CA LYS B 65 -2.83 -2.12 -15.76
C LYS B 65 -4.13 -2.19 -14.95
N GLU B 66 -4.86 -3.25 -15.24
CA GLU B 66 -6.15 -3.49 -14.55
C GLU B 66 -5.88 -3.95 -13.13
N TYR B 67 -6.81 -3.65 -12.25
CA TYR B 67 -6.73 -3.99 -10.82
C TYR B 67 -6.46 -5.49 -10.67
N LEU B 68 -5.71 -5.78 -9.63
CA LEU B 68 -5.44 -7.21 -9.31
C LEU B 68 -6.57 -7.53 -8.31
N PRO B 69 -6.80 -8.80 -8.13
CA PRO B 69 -7.78 -9.27 -7.11
C PRO B 69 -7.23 -8.70 -5.78
N ILE B 70 -8.10 -8.52 -4.80
CA ILE B 70 -7.80 -8.00 -3.48
C ILE B 70 -6.54 -8.65 -2.88
N ALA B 71 -6.50 -9.96 -2.96
CA ALA B 71 -5.43 -10.79 -2.45
C ALA B 71 -4.18 -10.76 -3.32
N GLY B 72 -4.23 -10.13 -4.48
CA GLY B 72 -3.08 -10.02 -5.38
C GLY B 72 -2.97 -11.01 -6.51
N LEU B 73 -1.86 -10.94 -7.20
CA LEU B 73 -1.50 -11.77 -8.36
C LEU B 73 -1.28 -13.22 -7.89
N ALA B 74 -2.11 -14.11 -8.37
CA ALA B 74 -2.07 -15.51 -7.99
C ALA B 74 -0.76 -16.25 -8.23
N ASP B 75 -0.11 -15.95 -9.33
CA ASP B 75 1.19 -16.57 -9.67
C ASP B 75 2.24 -16.20 -8.61
N PHE B 76 2.07 -14.99 -8.10
CA PHE B 76 2.94 -14.40 -7.10
C PHE B 76 2.79 -15.00 -5.71
N THR B 77 1.55 -15.03 -5.25
CA THR B 77 1.21 -15.56 -3.93
C THR B 77 1.62 -17.02 -3.78
N ARG B 78 1.32 -17.81 -4.81
CA ARG B 78 1.64 -19.24 -4.82
C ARG B 78 3.15 -19.45 -4.83
N ALA B 79 3.83 -18.73 -5.72
CA ALA B 79 5.29 -18.83 -5.85
C ALA B 79 5.95 -18.43 -4.53
N SER B 80 5.34 -17.43 -3.93
CA SER B 80 5.81 -16.86 -2.65
C SER B 80 5.70 -17.92 -1.57
N ALA B 81 4.56 -18.60 -1.51
CA ALA B 81 4.34 -19.66 -0.51
C ALA B 81 5.35 -20.78 -0.72
N GLU B 82 5.54 -21.18 -1.97
CA GLU B 82 6.45 -22.24 -2.38
C GLU B 82 7.89 -21.94 -2.00
N LEU B 83 8.31 -20.71 -2.23
CA LEU B 83 9.67 -20.26 -1.89
C LEU B 83 9.93 -20.46 -0.39
N ALA B 84 8.98 -19.98 0.41
CA ALA B 84 8.98 -20.04 1.84
C ALA B 84 8.87 -21.41 2.47
N LEU B 85 7.82 -22.13 2.15
CA LEU B 85 7.52 -23.45 2.70
C LEU B 85 8.32 -24.61 2.14
N GLY B 86 8.69 -24.48 0.89
CA GLY B 86 9.44 -25.52 0.16
C GLY B 86 8.45 -26.37 -0.64
N GLU B 87 8.83 -26.61 -1.87
CA GLU B 87 8.10 -27.40 -2.87
C GLU B 87 7.47 -28.69 -2.39
N ASN B 88 8.20 -29.47 -1.63
CA ASN B 88 7.73 -30.77 -1.10
C ASN B 88 7.18 -30.65 0.32
N SER B 89 6.94 -29.42 0.72
CA SER B 89 6.39 -29.19 2.07
C SER B 89 4.98 -29.77 1.98
N GLU B 90 4.58 -30.35 3.06
CA GLU B 90 3.24 -30.97 3.21
C GLU B 90 2.20 -29.85 3.31
N ALA B 91 2.60 -28.76 3.93
CA ALA B 91 1.77 -27.57 4.13
C ALA B 91 1.43 -26.94 2.76
N PHE B 92 2.41 -27.02 1.89
CA PHE B 92 2.30 -26.47 0.54
C PHE B 92 1.41 -27.39 -0.28
N LYS B 93 1.82 -28.64 -0.42
CA LYS B 93 1.10 -29.65 -1.18
C LYS B 93 -0.34 -29.87 -0.80
N SER B 94 -0.69 -29.81 0.46
CA SER B 94 -2.08 -30.00 0.90
C SER B 94 -2.96 -28.78 0.71
N GLY B 95 -2.34 -27.65 0.44
CA GLY B 95 -3.08 -26.40 0.24
C GLY B 95 -3.70 -25.90 1.54
N ARG B 96 -3.10 -26.22 2.66
CA ARG B 96 -3.58 -25.79 3.96
C ARG B 96 -2.89 -24.50 4.41
N TYR B 97 -2.68 -23.62 3.45
CA TYR B 97 -2.02 -22.32 3.75
C TYR B 97 -2.79 -21.30 2.93
N VAL B 98 -2.70 -20.04 3.29
CA VAL B 98 -3.33 -18.95 2.55
C VAL B 98 -2.27 -17.83 2.53
N THR B 99 -1.98 -17.35 1.36
CA THR B 99 -1.03 -16.27 1.09
C THR B 99 -1.70 -15.14 0.30
N VAL B 100 -1.59 -13.94 0.82
CA VAL B 100 -2.12 -12.71 0.23
C VAL B 100 -0.94 -11.75 0.01
N GLN B 101 -0.94 -11.11 -1.14
CA GLN B 101 0.11 -10.13 -1.47
C GLN B 101 -0.07 -8.96 -0.49
N GLY B 102 1.03 -8.43 -0.02
CA GLY B 102 1.05 -7.29 0.92
C GLY B 102 1.97 -6.23 0.31
N ILE B 103 1.97 -5.06 0.92
CA ILE B 103 2.85 -3.98 0.43
C ILE B 103 4.22 -4.19 1.08
N SER B 104 5.01 -5.03 0.45
CA SER B 104 6.34 -5.42 0.91
C SER B 104 6.16 -6.06 2.28
N GLY B 105 7.24 -6.19 3.01
CA GLY B 105 7.27 -6.81 4.34
C GLY B 105 6.45 -6.03 5.37
N THR B 106 6.59 -4.73 5.37
CA THR B 106 5.86 -3.89 6.32
C THR B 106 4.35 -3.99 6.17
N GLY B 107 3.85 -3.85 4.95
CA GLY B 107 2.40 -3.93 4.72
C GLY B 107 1.89 -5.31 5.11
N SER B 108 2.72 -6.32 4.88
CA SER B 108 2.37 -7.72 5.20
C SER B 108 2.23 -7.92 6.69
N LEU B 109 3.20 -7.38 7.44
CA LEU B 109 3.20 -7.47 8.91
C LEU B 109 1.96 -6.77 9.50
N ARG B 110 1.61 -5.62 8.95
CA ARG B 110 0.47 -4.81 9.37
C ARG B 110 -0.86 -5.51 9.12
N VAL B 111 -1.05 -6.03 7.92
CA VAL B 111 -2.24 -6.79 7.55
C VAL B 111 -2.36 -7.97 8.55
N GLY B 112 -1.22 -8.59 8.84
CA GLY B 112 -1.09 -9.71 9.75
C GLY B 112 -1.46 -9.33 11.18
N ALA B 113 -0.99 -8.21 11.66
CA ALA B 113 -1.23 -7.62 12.97
C ALA B 113 -2.72 -7.27 13.12
N ASN B 114 -3.29 -6.70 12.07
CA ASN B 114 -4.72 -6.32 12.01
C ASN B 114 -5.61 -7.57 12.04
N PHE B 115 -5.15 -8.60 11.37
CA PHE B 115 -5.85 -9.90 11.32
C PHE B 115 -5.90 -10.53 12.71
N LEU B 116 -4.79 -10.48 13.43
CA LEU B 116 -4.70 -11.04 14.78
C LEU B 116 -5.54 -10.21 15.76
N GLN B 117 -5.50 -8.90 15.52
CA GLN B 117 -6.27 -8.01 16.42
C GLN B 117 -7.74 -8.41 16.33
N ARG B 118 -8.17 -8.69 15.11
CA ARG B 118 -9.54 -9.05 14.81
C ARG B 118 -10.00 -10.45 15.17
N PHE B 119 -9.23 -11.46 14.83
CA PHE B 119 -9.53 -12.87 15.02
C PHE B 119 -8.79 -13.68 16.04
N PHE B 120 -7.68 -13.22 16.54
CA PHE B 120 -6.89 -13.95 17.55
C PHE B 120 -7.46 -13.64 18.93
N LYS B 121 -8.55 -14.27 19.27
CA LYS B 121 -9.23 -14.04 20.55
C LYS B 121 -8.48 -14.48 21.79
N PHE B 122 -7.53 -15.37 21.67
CA PHE B 122 -6.76 -15.91 22.79
C PHE B 122 -5.89 -14.95 23.57
N SER B 123 -5.46 -13.88 22.96
CA SER B 123 -4.58 -12.90 23.65
C SER B 123 -4.42 -11.63 22.82
N ARG B 124 -3.91 -10.60 23.46
CA ARG B 124 -3.63 -9.30 22.85
C ARG B 124 -2.11 -9.04 22.89
N ASP B 125 -1.36 -9.90 23.53
CA ASP B 125 0.08 -9.75 23.70
C ASP B 125 0.97 -10.32 22.60
N VAL B 126 1.88 -9.47 22.15
CA VAL B 126 2.87 -9.82 21.12
C VAL B 126 4.24 -9.66 21.80
N TYR B 127 5.00 -10.72 21.80
CA TYR B 127 6.33 -10.74 22.44
C TYR B 127 7.41 -10.52 21.40
N LEU B 128 8.13 -9.42 21.55
CA LEU B 128 9.21 -9.12 20.60
C LEU B 128 10.55 -9.40 21.30
N PRO B 129 11.52 -9.70 20.48
CA PRO B 129 12.88 -9.97 20.99
C PRO B 129 13.43 -8.62 21.46
N LYS B 130 14.40 -8.67 22.35
CA LYS B 130 15.04 -7.45 22.85
C LYS B 130 16.47 -7.42 22.30
N PRO B 131 16.76 -6.56 21.35
CA PRO B 131 15.84 -5.62 20.70
C PRO B 131 15.31 -6.22 19.39
N SER B 132 14.46 -5.42 18.74
CA SER B 132 13.85 -5.77 17.47
C SER B 132 13.88 -4.53 16.56
N TRP B 133 13.53 -4.74 15.31
CA TRP B 133 13.49 -3.64 14.32
C TRP B 133 12.54 -2.61 14.93
N GLY B 134 12.96 -1.36 14.88
CA GLY B 134 12.19 -0.26 15.44
C GLY B 134 10.73 -0.24 15.02
N ASN B 135 10.43 -0.50 13.77
CA ASN B 135 9.09 -0.47 13.20
C ASN B 135 8.15 -1.51 13.81
N HIS B 136 8.74 -2.58 14.30
CA HIS B 136 7.96 -3.67 14.90
C HIS B 136 6.97 -3.14 15.93
N THR B 137 7.38 -2.17 16.71
CA THR B 137 6.56 -1.60 17.77
C THR B 137 5.28 -0.90 17.39
N PRO B 138 5.40 0.15 16.60
CA PRO B 138 4.25 0.94 16.13
C PRO B 138 3.33 0.07 15.28
N ILE B 139 3.92 -0.91 14.61
CA ILE B 139 3.13 -1.81 13.77
C ILE B 139 2.03 -2.49 14.59
N PHE B 140 2.49 -3.16 15.63
CA PHE B 140 1.58 -3.90 16.51
C PHE B 140 0.73 -3.00 17.39
N ARG B 141 1.34 -1.94 17.87
CA ARG B 141 0.66 -0.99 18.75
C ARG B 141 -0.48 -0.31 17.99
N ASP B 142 -0.17 0.13 16.79
CA ASP B 142 -1.14 0.82 15.92
C ASP B 142 -2.27 -0.16 15.55
N ALA B 143 -1.91 -1.42 15.49
CA ALA B 143 -2.88 -2.47 15.14
C ALA B 143 -3.81 -2.75 16.31
N GLY B 144 -3.46 -2.32 17.50
CA GLY B 144 -4.30 -2.57 18.68
C GLY B 144 -3.84 -3.67 19.61
N LEU B 145 -2.60 -4.12 19.48
CA LEU B 145 -2.09 -5.19 20.37
C LEU B 145 -1.16 -4.58 21.42
N GLN B 146 -0.83 -5.34 22.44
CA GLN B 146 0.06 -4.93 23.54
C GLN B 146 1.42 -5.58 23.27
N LEU B 147 2.47 -4.84 23.48
CA LEU B 147 3.83 -5.34 23.26
C LEU B 147 4.42 -5.88 24.56
N GLN B 148 5.21 -6.91 24.43
CA GLN B 148 5.94 -7.54 25.55
C GLN B 148 7.30 -7.88 24.93
N ALA B 149 8.21 -8.38 25.74
CA ALA B 149 9.54 -8.70 25.14
C ALA B 149 10.11 -9.92 25.83
N TYR B 150 11.01 -10.55 25.11
CA TYR B 150 11.73 -11.72 25.65
C TYR B 150 13.21 -11.35 25.43
N ARG B 151 14.06 -11.82 26.34
CA ARG B 151 15.49 -11.57 26.26
C ARG B 151 15.99 -12.26 24.99
N TYR B 152 16.92 -11.57 24.32
CA TYR B 152 17.47 -12.11 23.07
C TYR B 152 18.95 -11.83 22.86
N TYR B 153 19.29 -10.56 22.78
CA TYR B 153 20.67 -10.11 22.56
C TYR B 153 21.35 -9.87 23.91
N ASP B 154 22.55 -10.38 23.96
CA ASP B 154 23.42 -10.28 25.15
C ASP B 154 24.51 -9.24 24.82
N PRO B 155 24.38 -8.11 25.47
CA PRO B 155 25.31 -6.99 25.29
C PRO B 155 26.69 -7.32 25.85
N LYS B 156 26.78 -8.27 26.78
CA LYS B 156 28.08 -8.65 27.35
C LYS B 156 28.97 -9.35 26.34
N THR B 157 28.35 -10.23 25.57
CA THR B 157 29.07 -11.02 24.55
C THR B 157 28.70 -10.69 23.10
N CYS B 158 27.85 -9.69 22.93
CA CYS B 158 27.35 -9.27 21.61
C CYS B 158 26.86 -10.50 20.84
N SER B 159 26.27 -11.41 21.60
CA SER B 159 25.73 -12.66 21.03
C SER B 159 24.37 -12.93 21.65
N LEU B 160 23.85 -14.12 21.38
CA LEU B 160 22.55 -14.56 21.85
C LEU B 160 22.48 -14.95 23.32
N ASP B 161 21.53 -14.37 24.02
CA ASP B 161 21.32 -14.70 25.43
C ASP B 161 20.37 -15.91 25.36
N PHE B 162 20.92 -17.03 24.95
CA PHE B 162 20.12 -18.27 24.81
C PHE B 162 19.36 -18.71 26.05
N THR B 163 20.01 -18.59 27.19
CA THR B 163 19.42 -18.98 28.49
C THR B 163 18.26 -18.09 28.89
N GLY B 164 18.45 -16.78 28.75
CA GLY B 164 17.43 -15.76 29.07
C GLY B 164 16.22 -15.95 28.13
N ALA B 165 16.54 -16.17 26.87
CA ALA B 165 15.49 -16.39 25.85
C ALA B 165 14.65 -17.60 26.27
N MET B 166 15.30 -18.73 26.49
CA MET B 166 14.63 -19.97 26.88
C MET B 166 13.81 -19.83 28.15
N GLU B 167 14.34 -19.08 29.09
CA GLU B 167 13.66 -18.83 30.36
C GLU B 167 12.43 -17.94 30.21
N ASP B 168 12.57 -16.92 29.37
CA ASP B 168 11.50 -15.95 29.11
C ASP B 168 10.34 -16.61 28.37
N ILE B 169 10.66 -17.36 27.33
CA ILE B 169 9.66 -18.04 26.49
C ILE B 169 8.90 -19.11 27.28
N SER B 170 9.61 -19.74 28.19
CA SER B 170 9.07 -20.81 29.03
C SER B 170 8.00 -20.27 29.97
N LYS B 171 8.10 -19.00 30.26
CA LYS B 171 7.16 -18.32 31.15
C LYS B 171 6.13 -17.48 30.44
N ILE B 172 6.14 -17.50 29.12
CA ILE B 172 5.15 -16.73 28.34
C ILE B 172 3.82 -17.50 28.47
N PRO B 173 2.80 -16.73 28.78
CA PRO B 173 1.45 -17.29 28.94
C PRO B 173 1.09 -17.99 27.62
N GLU B 174 0.48 -19.14 27.81
CA GLU B 174 0.02 -20.01 26.73
C GLU B 174 -0.92 -19.26 25.78
N LYS B 175 -0.77 -19.58 24.52
CA LYS B 175 -1.57 -18.98 23.45
C LYS B 175 -1.30 -17.50 23.27
N SER B 176 -0.10 -17.07 23.59
CA SER B 176 0.32 -15.66 23.42
C SER B 176 0.96 -15.65 22.02
N ILE B 177 1.20 -14.47 21.47
CA ILE B 177 1.84 -14.39 20.14
C ILE B 177 3.33 -14.03 20.33
N ILE B 178 4.19 -14.76 19.64
CA ILE B 178 5.64 -14.49 19.73
C ILE B 178 6.19 -14.23 18.34
N LEU B 179 6.83 -13.08 18.19
CA LEU B 179 7.42 -12.74 16.88
C LEU B 179 8.85 -13.26 16.79
N LEU B 180 9.17 -13.97 15.72
CA LEU B 180 10.54 -14.46 15.51
C LEU B 180 11.08 -14.00 14.15
N HIS B 181 12.32 -13.57 14.15
CA HIS B 181 13.01 -13.18 12.90
C HIS B 181 13.55 -14.53 12.39
N ALA B 182 13.16 -14.89 11.19
CA ALA B 182 13.56 -16.15 10.55
C ALA B 182 15.05 -16.28 10.38
N CYS B 183 15.74 -15.19 10.06
CA CYS B 183 17.19 -15.16 9.86
C CYS B 183 17.63 -13.69 9.75
N ALA B 184 18.93 -13.50 9.93
CA ALA B 184 19.52 -12.16 9.86
C ALA B 184 18.71 -11.20 10.73
N HIS B 185 18.75 -11.44 12.03
CA HIS B 185 18.04 -10.57 13.00
C HIS B 185 18.43 -9.10 12.78
N ASN B 186 17.41 -8.27 12.78
CA ASN B 186 17.53 -6.81 12.62
C ASN B 186 17.09 -6.22 13.97
N PRO B 187 17.92 -5.44 14.64
CA PRO B 187 19.21 -4.95 14.20
C PRO B 187 20.55 -5.54 14.57
N THR B 188 20.58 -6.61 15.32
CA THR B 188 21.83 -7.17 15.81
C THR B 188 22.67 -8.05 14.92
N GLY B 189 22.02 -8.82 14.07
CA GLY B 189 22.74 -9.76 13.21
C GLY B 189 22.87 -11.08 13.98
N VAL B 190 22.45 -11.10 15.24
CA VAL B 190 22.55 -12.33 16.04
C VAL B 190 21.35 -13.24 15.77
N ASP B 191 21.65 -14.44 15.33
CA ASP B 191 20.66 -15.49 15.04
C ASP B 191 21.02 -16.74 15.87
N PRO B 192 20.01 -17.53 16.18
CA PRO B 192 20.21 -18.80 16.90
C PRO B 192 20.83 -19.76 15.88
N ARG B 193 21.54 -20.72 16.42
CA ARG B 193 22.16 -21.81 15.63
C ARG B 193 21.04 -22.87 15.52
N GLN B 194 21.13 -23.67 14.51
CA GLN B 194 20.18 -24.73 14.18
C GLN B 194 19.74 -25.50 15.40
N GLU B 195 20.67 -25.78 16.28
CA GLU B 195 20.48 -26.54 17.51
C GLU B 195 19.69 -25.76 18.55
N GLN B 196 19.91 -24.46 18.61
CA GLN B 196 19.16 -23.63 19.58
C GLN B 196 17.72 -23.48 19.07
N TRP B 197 17.58 -23.46 17.76
CA TRP B 197 16.29 -23.32 17.07
C TRP B 197 15.42 -24.55 17.35
N LYS B 198 16.06 -25.69 17.41
CA LYS B 198 15.33 -26.95 17.67
C LYS B 198 14.70 -26.85 19.05
N GLU B 199 15.48 -26.27 19.93
CA GLU B 199 15.06 -26.10 21.34
C GLU B 199 13.98 -25.07 21.50
N LEU B 200 14.05 -23.99 20.73
CA LEU B 200 13.02 -22.94 20.81
C LEU B 200 11.69 -23.51 20.29
N ALA B 201 11.78 -24.33 19.27
CA ALA B 201 10.58 -24.92 18.64
C ALA B 201 9.74 -25.65 19.68
N SER B 202 10.48 -26.41 20.47
CA SER B 202 9.93 -27.27 21.52
C SER B 202 9.21 -26.52 22.62
N VAL B 203 9.79 -25.42 23.07
CA VAL B 203 9.15 -24.58 24.09
C VAL B 203 7.94 -23.90 23.47
N VAL B 204 8.11 -23.43 22.24
CA VAL B 204 7.02 -22.73 21.54
C VAL B 204 5.86 -23.72 21.39
N LYS B 205 6.22 -24.94 21.05
CA LYS B 205 5.22 -26.02 20.88
C LYS B 205 4.47 -26.32 22.18
N LYS B 206 5.25 -26.53 23.23
CA LYS B 206 4.81 -26.84 24.59
C LYS B 206 3.93 -25.75 25.18
N ARG B 207 4.33 -24.50 24.98
CA ARG B 207 3.59 -23.35 25.50
C ARG B 207 2.40 -23.03 24.58
N ASN B 208 2.38 -23.71 23.45
CA ASN B 208 1.26 -23.51 22.48
C ASN B 208 1.14 -22.02 22.15
N LEU B 209 2.25 -21.45 21.70
CA LEU B 209 2.26 -20.01 21.34
C LEU B 209 1.99 -19.92 19.84
N LEU B 210 1.56 -18.75 19.40
CA LEU B 210 1.35 -18.58 17.94
C LEU B 210 2.66 -17.87 17.53
N ALA B 211 3.43 -18.56 16.72
CA ALA B 211 4.71 -18.02 16.24
C ALA B 211 4.50 -17.19 14.97
N TYR B 212 4.89 -15.93 15.05
CA TYR B 212 4.81 -14.99 13.93
C TYR B 212 6.23 -14.81 13.38
N PHE B 213 6.51 -15.38 12.21
CA PHE B 213 7.85 -15.26 11.62
C PHE B 213 7.94 -14.03 10.71
N ASP B 214 9.01 -13.28 10.85
CA ASP B 214 9.27 -12.10 10.01
C ASP B 214 10.46 -12.58 9.15
N MET B 215 10.21 -12.87 7.89
CA MET B 215 11.25 -13.36 6.98
C MET B 215 11.52 -12.34 5.87
N ALA B 216 12.35 -11.35 6.21
CA ALA B 216 12.72 -10.29 5.28
C ALA B 216 14.04 -10.51 4.56
N TYR B 217 14.80 -11.52 4.93
CA TYR B 217 16.11 -11.75 4.29
C TYR B 217 16.34 -13.13 3.72
N GLN B 218 15.32 -13.81 3.24
CA GLN B 218 15.52 -15.16 2.67
C GLN B 218 16.44 -15.12 1.46
N GLY B 219 17.52 -15.88 1.55
CA GLY B 219 18.53 -16.02 0.51
C GLY B 219 19.65 -14.99 0.66
N PHE B 220 19.25 -13.81 1.09
CA PHE B 220 20.10 -12.66 1.30
C PHE B 220 21.05 -12.76 2.49
N ALA B 221 20.71 -13.52 3.49
CA ALA B 221 21.53 -13.70 4.68
C ALA B 221 22.79 -14.54 4.47
N SER B 222 22.62 -15.77 4.07
CA SER B 222 23.65 -16.76 3.82
C SER B 222 23.93 -17.09 2.36
N GLY B 223 23.11 -16.64 1.45
CA GLY B 223 23.26 -16.90 0.02
C GLY B 223 22.49 -18.17 -0.35
N ASP B 224 21.88 -18.81 0.63
CA ASP B 224 21.11 -20.04 0.42
C ASP B 224 19.65 -19.94 0.89
N ILE B 225 18.73 -19.89 -0.04
CA ILE B 225 17.31 -19.79 0.22
C ILE B 225 16.75 -20.90 1.10
N ASN B 226 17.29 -22.10 1.02
CA ASN B 226 16.79 -23.22 1.83
C ASN B 226 17.26 -23.17 3.28
N ARG B 227 18.49 -22.75 3.42
CA ARG B 227 19.17 -22.61 4.71
C ARG B 227 18.58 -21.44 5.48
N ASP B 228 18.28 -20.38 4.76
CA ASP B 228 17.68 -19.19 5.38
C ASP B 228 16.26 -19.47 5.89
N ALA B 229 15.58 -20.42 5.29
CA ALA B 229 14.20 -20.76 5.69
C ALA B 229 14.11 -22.00 6.55
N TRP B 230 15.26 -22.49 6.98
CA TRP B 230 15.35 -23.71 7.80
C TRP B 230 14.50 -23.69 9.05
N ALA B 231 14.61 -22.64 9.83
CA ALA B 231 13.89 -22.50 11.09
C ALA B 231 12.37 -22.51 10.95
N LEU B 232 11.90 -21.75 9.98
CA LEU B 232 10.47 -21.63 9.67
C LEU B 232 9.90 -23.01 9.35
N ARG B 233 10.57 -23.65 8.40
CA ARG B 233 10.24 -24.98 7.91
C ARG B 233 10.28 -26.02 9.02
N HIS B 234 11.17 -25.84 9.97
CA HIS B 234 11.34 -26.76 11.11
C HIS B 234 10.14 -26.64 12.04
N PHE B 235 9.76 -25.43 12.37
CA PHE B 235 8.59 -25.20 13.24
C PHE B 235 7.32 -25.86 12.68
N ILE B 236 7.07 -25.65 11.40
CA ILE B 236 5.89 -26.17 10.70
C ILE B 236 5.88 -27.69 10.72
N GLU B 237 7.06 -28.26 10.51
CA GLU B 237 7.26 -29.70 10.46
C GLU B 237 7.10 -30.28 11.87
N GLN B 238 7.20 -29.42 12.85
CA GLN B 238 7.06 -29.81 14.26
C GLN B 238 5.61 -29.66 14.67
N GLY B 239 4.79 -29.25 13.72
CA GLY B 239 3.37 -29.09 13.96
C GLY B 239 2.94 -27.74 14.52
N ILE B 240 3.79 -26.75 14.41
CA ILE B 240 3.43 -25.38 14.91
C ILE B 240 2.90 -24.66 13.66
N ASP B 241 1.66 -24.25 13.65
CA ASP B 241 1.06 -23.53 12.51
C ASP B 241 1.41 -22.04 12.75
N VAL B 242 2.35 -21.55 11.97
CA VAL B 242 2.81 -20.16 12.16
C VAL B 242 2.05 -19.27 11.20
N VAL B 243 2.39 -17.99 11.29
CA VAL B 243 1.87 -16.95 10.39
C VAL B 243 3.19 -16.32 9.91
N LEU B 244 3.20 -15.77 8.72
CA LEU B 244 4.48 -15.23 8.23
C LEU B 244 4.35 -14.06 7.26
N SER B 245 5.38 -13.22 7.34
CA SER B 245 5.50 -12.02 6.50
C SER B 245 6.78 -12.21 5.69
N GLN B 246 6.72 -11.96 4.40
CA GLN B 246 7.89 -12.09 3.52
C GLN B 246 8.11 -10.73 2.82
N SER B 247 9.36 -10.46 2.50
CA SER B 247 9.74 -9.22 1.81
C SER B 247 10.68 -9.61 0.68
N TYR B 248 10.59 -8.90 -0.42
CA TYR B 248 11.47 -9.16 -1.58
C TYR B 248 12.32 -7.89 -1.82
N ALA B 249 12.26 -7.02 -0.84
CA ALA B 249 12.96 -5.73 -0.85
C ALA B 249 14.46 -5.93 -1.07
N LYS B 250 15.09 -6.63 -0.15
CA LYS B 250 16.51 -6.92 -0.14
C LYS B 250 16.93 -8.08 -1.04
N ASN B 251 16.23 -9.19 -0.98
CA ASN B 251 16.56 -10.38 -1.74
C ASN B 251 16.41 -10.27 -3.24
N MET B 252 15.55 -9.37 -3.71
CA MET B 252 15.39 -9.18 -5.17
C MET B 252 15.74 -7.73 -5.52
N GLY B 253 16.06 -6.96 -4.50
CA GLY B 253 16.37 -5.54 -4.65
C GLY B 253 15.15 -4.75 -5.13
N LEU B 254 13.95 -5.19 -4.78
CA LEU B 254 12.72 -4.51 -5.21
C LEU B 254 12.24 -3.39 -4.31
N TYR B 255 13.11 -2.94 -3.43
CA TYR B 255 12.88 -1.87 -2.48
C TYR B 255 11.59 -1.09 -2.65
N GLY B 256 11.58 -0.13 -3.55
CA GLY B 256 10.48 0.77 -3.85
C GLY B 256 9.30 0.26 -4.62
N GLU B 257 9.37 -0.95 -5.14
CA GLU B 257 8.26 -1.55 -5.90
C GLU B 257 7.24 -2.20 -4.97
N ARG B 258 7.65 -2.48 -3.76
CA ARG B 258 6.92 -3.06 -2.66
C ARG B 258 6.23 -4.40 -2.86
N ALA B 259 7.00 -5.47 -3.02
CA ALA B 259 6.46 -6.82 -3.19
C ALA B 259 6.68 -7.57 -1.88
N GLY B 260 5.60 -8.16 -1.39
CA GLY B 260 5.68 -8.93 -0.12
C GLY B 260 4.41 -9.77 -0.04
N ALA B 261 4.33 -10.59 0.98
CA ALA B 261 3.15 -11.47 1.17
C ALA B 261 3.00 -11.83 2.65
N PHE B 262 1.78 -12.11 3.03
CA PHE B 262 1.44 -12.49 4.41
C PHE B 262 0.86 -13.91 4.26
N THR B 263 1.31 -14.84 5.07
CA THR B 263 0.82 -16.21 4.98
C THR B 263 0.31 -16.73 6.31
N VAL B 264 -0.76 -17.48 6.24
CA VAL B 264 -1.37 -18.10 7.44
C VAL B 264 -1.36 -19.62 7.20
N ILE B 265 -0.86 -20.38 8.14
CA ILE B 265 -0.86 -21.85 8.03
C ILE B 265 -2.13 -22.27 8.79
N CYS B 266 -2.99 -22.98 8.08
CA CYS B 266 -4.26 -23.45 8.63
C CYS B 266 -4.26 -24.96 8.83
N ARG B 267 -5.37 -25.37 9.41
CA ARG B 267 -5.58 -26.80 9.71
C ARG B 267 -5.80 -27.55 8.40
N ASP B 268 -6.59 -26.95 7.51
CA ASP B 268 -6.85 -27.59 6.20
C ASP B 268 -7.16 -26.54 5.15
N ALA B 269 -7.43 -27.01 3.94
CA ALA B 269 -7.76 -26.18 2.78
C ALA B 269 -9.05 -25.41 2.98
N GLU B 270 -10.00 -26.06 3.62
CA GLU B 270 -11.31 -25.50 3.91
C GLU B 270 -11.20 -24.31 4.86
N GLU B 271 -10.39 -24.46 5.88
CA GLU B 271 -10.15 -23.41 6.86
C GLU B 271 -9.39 -22.26 6.20
N ALA B 272 -8.48 -22.62 5.30
CA ALA B 272 -7.65 -21.69 4.55
C ALA B 272 -8.54 -20.75 3.74
N LYS B 273 -9.61 -21.28 3.21
CA LYS B 273 -10.56 -20.48 2.40
C LYS B 273 -11.38 -19.51 3.25
N ARG B 274 -11.69 -19.87 4.48
CA ARG B 274 -12.48 -19.03 5.39
C ARG B 274 -11.59 -17.83 5.80
N VAL B 275 -10.36 -18.20 6.10
CA VAL B 275 -9.35 -17.23 6.52
C VAL B 275 -9.07 -16.22 5.41
N GLU B 276 -8.98 -16.73 4.19
CA GLU B 276 -8.73 -15.89 3.01
C GLU B 276 -9.84 -14.87 2.84
N SER B 277 -11.08 -15.32 2.95
CA SER B 277 -12.24 -14.44 2.81
C SER B 277 -12.21 -13.27 3.79
N GLN B 278 -11.79 -13.52 5.02
CA GLN B 278 -11.70 -12.53 6.08
C GLN B 278 -10.51 -11.60 5.84
N LEU B 279 -9.41 -12.10 5.29
CA LEU B 279 -8.24 -11.30 4.96
C LEU B 279 -8.62 -10.28 3.88
N LYS B 280 -9.42 -10.71 2.92
CA LYS B 280 -9.88 -9.84 1.83
C LYS B 280 -10.78 -8.73 2.34
N ILE B 281 -11.64 -9.04 3.31
CA ILE B 281 -12.56 -8.09 3.93
C ILE B 281 -11.85 -6.99 4.70
N LEU B 282 -10.69 -7.36 5.23
CA LEU B 282 -9.80 -6.50 6.00
C LEU B 282 -8.96 -5.55 5.16
N ILE B 283 -8.50 -6.04 4.02
CA ILE B 283 -7.62 -5.29 3.12
C ILE B 283 -8.32 -4.28 2.25
N ARG B 284 -9.53 -4.62 1.86
CA ARG B 284 -10.34 -3.78 0.97
C ARG B 284 -10.37 -2.34 1.44
N PRO B 285 -10.74 -2.14 2.68
CA PRO B 285 -10.83 -0.82 3.30
C PRO B 285 -9.49 -0.26 3.77
N MET B 286 -8.41 -0.95 3.51
CA MET B 286 -7.05 -0.53 3.85
C MET B 286 -6.51 0.17 2.58
N TYR B 287 -6.51 -0.57 1.47
CA TYR B 287 -5.99 -0.03 0.21
C TYR B 287 -6.62 -0.62 -1.03
N SER B 288 -7.65 -1.42 -0.85
CA SER B 288 -8.39 -2.01 -1.98
C SER B 288 -7.74 -3.15 -2.71
N ASN B 289 -6.63 -2.92 -3.36
CA ASN B 289 -5.90 -3.99 -4.12
C ASN B 289 -4.44 -3.53 -4.11
N PRO B 290 -3.51 -4.47 -4.21
CA PRO B 290 -2.09 -4.17 -4.15
C PRO B 290 -1.44 -3.74 -5.46
N PRO B 291 -0.30 -3.09 -5.32
CA PRO B 291 0.48 -2.61 -6.49
C PRO B 291 1.01 -3.80 -7.29
N MET B 292 0.77 -3.77 -8.59
CA MET B 292 1.13 -4.84 -9.51
C MET B 292 2.55 -5.01 -9.98
N ASN B 293 3.34 -3.97 -10.11
CA ASN B 293 4.68 -4.00 -10.64
C ASN B 293 5.66 -4.97 -10.01
N GLY B 294 5.95 -4.77 -8.74
CA GLY B 294 6.90 -5.65 -8.04
C GLY B 294 6.46 -7.11 -8.09
N ALA B 295 5.18 -7.36 -7.93
CA ALA B 295 4.60 -8.71 -7.93
C ALA B 295 4.77 -9.38 -9.30
N ARG B 296 4.59 -8.60 -10.36
CA ARG B 296 4.76 -9.12 -11.72
C ARG B 296 6.23 -9.53 -11.91
N ILE B 297 7.14 -8.68 -11.44
CA ILE B 297 8.59 -8.92 -11.56
C ILE B 297 8.99 -10.19 -10.80
N ALA B 298 8.66 -10.22 -9.52
CA ALA B 298 8.95 -11.35 -8.64
C ALA B 298 8.38 -12.65 -9.16
N SER B 299 7.16 -12.63 -9.63
CA SER B 299 6.47 -13.82 -10.16
C SER B 299 7.19 -14.37 -11.39
N LEU B 300 7.63 -13.49 -12.27
CA LEU B 300 8.36 -13.89 -13.48
C LEU B 300 9.63 -14.66 -13.08
N ILE B 301 10.43 -14.00 -12.27
CA ILE B 301 11.67 -14.58 -11.76
C ILE B 301 11.51 -15.93 -11.08
N LEU B 302 10.54 -16.02 -10.17
CA LEU B 302 10.29 -17.24 -9.41
C LEU B 302 9.77 -18.35 -10.30
N ASN B 303 8.92 -18.01 -11.24
CA ASN B 303 8.28 -18.98 -12.14
C ASN B 303 9.03 -19.28 -13.44
N THR B 304 10.05 -18.51 -13.76
CA THR B 304 10.81 -18.74 -15.00
C THR B 304 12.15 -19.37 -14.61
N PRO B 305 12.29 -20.63 -14.95
CA PRO B 305 13.50 -21.42 -14.63
C PRO B 305 14.81 -20.70 -14.83
N GLU B 306 14.98 -20.12 -16.00
CA GLU B 306 16.19 -19.38 -16.37
C GLU B 306 16.45 -18.17 -15.50
N LEU B 307 15.39 -17.43 -15.18
CA LEU B 307 15.51 -16.22 -14.36
C LEU B 307 15.75 -16.60 -12.90
N ARG B 308 15.01 -17.61 -12.47
CA ARG B 308 15.08 -18.09 -11.08
C ARG B 308 16.53 -18.49 -10.81
N LYS B 309 17.11 -19.12 -11.80
CA LYS B 309 18.49 -19.59 -11.71
C LYS B 309 19.45 -18.43 -11.59
N GLU B 310 19.29 -17.44 -12.45
CA GLU B 310 20.16 -16.26 -12.41
C GLU B 310 20.01 -15.55 -11.06
N TRP B 311 18.81 -15.51 -10.53
CA TRP B 311 18.48 -14.90 -9.25
C TRP B 311 19.31 -15.47 -8.10
N LEU B 312 19.38 -16.77 -8.00
CA LEU B 312 20.14 -17.46 -6.94
C LEU B 312 21.62 -17.13 -6.96
N VAL B 313 22.14 -16.90 -8.15
CA VAL B 313 23.55 -16.53 -8.35
C VAL B 313 23.72 -15.10 -7.83
N GLU B 314 22.84 -14.22 -8.24
CA GLU B 314 22.91 -12.81 -7.80
C GLU B 314 22.68 -12.64 -6.31
N VAL B 315 21.73 -13.34 -5.72
CA VAL B 315 21.47 -13.22 -4.28
C VAL B 315 22.69 -13.68 -3.50
N LYS B 316 23.27 -14.78 -3.95
CA LYS B 316 24.47 -15.36 -3.33
C LYS B 316 25.63 -14.37 -3.38
N GLY B 317 25.74 -13.67 -4.51
CA GLY B 317 26.77 -12.67 -4.77
C GLY B 317 26.69 -11.56 -3.72
N MET B 318 25.46 -11.16 -3.44
CA MET B 318 25.14 -10.13 -2.45
C MET B 318 25.53 -10.62 -1.05
N ALA B 319 25.04 -11.80 -0.72
CA ALA B 319 25.32 -12.39 0.60
C ALA B 319 26.82 -12.45 0.81
N ASP B 320 27.52 -12.91 -0.20
CA ASP B 320 28.98 -13.06 -0.21
C ASP B 320 29.79 -11.80 0.02
N ARG B 321 29.35 -10.71 -0.58
CA ARG B 321 30.07 -9.44 -0.42
C ARG B 321 29.99 -8.96 1.03
N ILE B 322 28.85 -9.25 1.63
CA ILE B 322 28.51 -8.89 2.99
C ILE B 322 29.42 -9.67 3.94
N ILE B 323 29.42 -10.97 3.75
CA ILE B 323 30.23 -11.88 4.56
C ILE B 323 31.72 -11.54 4.46
N SER B 324 32.12 -11.14 3.28
CA SER B 324 33.49 -10.76 2.91
C SER B 324 33.93 -9.51 3.68
N MET B 325 33.02 -8.53 3.73
CA MET B 325 33.30 -7.28 4.43
C MET B 325 33.45 -7.53 5.93
N ARG B 326 32.66 -8.46 6.46
CA ARG B 326 32.66 -8.85 7.88
C ARG B 326 34.04 -9.44 8.19
N THR B 327 34.39 -10.43 7.38
CA THR B 327 35.68 -11.13 7.44
C THR B 327 36.85 -10.15 7.35
N GLN B 328 36.87 -9.31 6.33
CA GLN B 328 37.93 -8.31 6.14
C GLN B 328 38.03 -7.27 7.24
N LEU B 329 36.90 -6.91 7.85
CA LEU B 329 36.91 -5.93 8.93
C LEU B 329 37.66 -6.51 10.12
N VAL B 330 37.34 -7.73 10.51
CA VAL B 330 37.96 -8.41 11.64
C VAL B 330 39.46 -8.64 11.44
N SER B 331 39.84 -9.06 10.26
CA SER B 331 41.24 -9.33 9.91
C SER B 331 42.04 -8.03 10.03
N ASN B 332 41.48 -6.96 9.50
CA ASN B 332 42.11 -5.64 9.51
C ASN B 332 42.26 -5.07 10.92
N LEU B 333 41.29 -5.34 11.77
CA LEU B 333 41.33 -4.79 13.14
C LEU B 333 42.45 -5.47 13.93
N LYS B 334 42.64 -6.74 13.61
CA LYS B 334 43.66 -7.56 14.26
C LYS B 334 45.06 -7.04 13.91
N LYS B 335 45.22 -6.89 12.62
CA LYS B 335 46.44 -6.42 11.96
C LYS B 335 46.80 -5.02 12.44
N GLU B 336 45.81 -4.32 12.95
CA GLU B 336 45.98 -2.95 13.44
C GLU B 336 46.53 -2.98 14.85
N GLY B 337 46.52 -4.16 15.44
CA GLY B 337 47.03 -4.33 16.81
C GLY B 337 45.95 -4.20 17.85
N SER B 338 44.71 -4.26 17.40
CA SER B 338 43.55 -4.18 18.32
C SER B 338 43.57 -5.49 19.13
N SER B 339 43.42 -5.34 20.44
CA SER B 339 43.44 -6.47 21.37
C SER B 339 42.06 -6.94 21.80
N HIS B 340 41.02 -6.25 21.39
CA HIS B 340 39.64 -6.63 21.75
C HIS B 340 39.22 -7.84 20.90
N ASN B 341 38.16 -8.46 21.38
CA ASN B 341 37.55 -9.62 20.69
C ASN B 341 36.46 -9.08 19.74
N TRP B 342 36.68 -9.28 18.46
CA TRP B 342 35.79 -8.84 17.39
C TRP B 342 35.15 -9.99 16.63
N GLN B 343 35.16 -11.18 17.16
CA GLN B 343 34.60 -12.36 16.50
C GLN B 343 33.10 -12.32 16.27
N HIS B 344 32.42 -11.48 17.03
CA HIS B 344 30.97 -11.30 16.93
C HIS B 344 30.62 -10.76 15.54
N ILE B 345 31.51 -9.93 15.02
CA ILE B 345 31.36 -9.33 13.70
C ILE B 345 31.23 -10.41 12.63
N THR B 346 31.95 -11.50 12.79
CA THR B 346 31.90 -12.61 11.83
C THR B 346 30.86 -13.66 12.18
N ASP B 347 30.49 -13.72 13.43
CA ASP B 347 29.46 -14.66 13.91
C ASP B 347 28.08 -14.11 13.51
N GLN B 348 28.02 -12.82 13.27
CA GLN B 348 26.78 -12.14 12.89
C GLN B 348 26.46 -12.45 11.44
N ILE B 349 25.18 -12.37 11.13
CA ILE B 349 24.61 -12.65 9.82
C ILE B 349 23.73 -11.53 9.28
N GLY B 350 23.90 -11.24 8.00
CA GLY B 350 23.11 -10.25 7.28
C GLY B 350 23.80 -8.89 7.16
N MET B 351 22.99 -7.92 6.76
CA MET B 351 23.44 -6.56 6.54
C MET B 351 23.68 -5.68 7.75
N PHE B 352 23.09 -6.01 8.88
CA PHE B 352 23.22 -5.22 10.11
C PHE B 352 24.11 -5.91 11.14
N CYS B 353 24.91 -5.07 11.78
CA CYS B 353 25.86 -5.58 12.80
C CYS B 353 25.89 -4.74 14.05
N PHE B 354 25.76 -5.40 15.19
CA PHE B 354 25.86 -4.69 16.50
C PHE B 354 27.36 -4.78 16.80
N THR B 355 28.08 -3.68 16.71
CA THR B 355 29.52 -3.66 16.95
C THR B 355 29.96 -3.67 18.40
N GLY B 356 29.10 -3.21 19.27
CA GLY B 356 29.40 -3.17 20.72
C GLY B 356 29.99 -1.80 21.08
N LEU B 357 30.31 -1.02 20.05
CA LEU B 357 30.89 0.32 20.30
C LEU B 357 29.93 1.10 21.19
N LYS B 358 30.50 1.99 21.97
CA LYS B 358 29.73 2.85 22.88
C LYS B 358 29.47 4.18 22.18
N PRO B 359 28.47 4.89 22.68
CA PRO B 359 28.06 6.18 22.14
C PRO B 359 29.18 7.18 21.93
N GLU B 360 29.98 7.43 22.96
CA GLU B 360 31.09 8.37 22.89
C GLU B 360 32.09 7.98 21.79
N GLN B 361 32.16 6.69 21.54
CA GLN B 361 33.07 6.16 20.51
C GLN B 361 32.48 6.42 19.12
N VAL B 362 31.17 6.18 19.05
CA VAL B 362 30.44 6.40 17.79
C VAL B 362 30.66 7.88 17.40
N GLU B 363 30.49 8.70 18.42
CA GLU B 363 30.67 10.15 18.31
C GLU B 363 32.08 10.51 17.84
N ARG B 364 33.07 9.89 18.46
CA ARG B 364 34.47 10.14 18.08
C ARG B 364 34.64 9.73 16.62
N LEU B 365 34.03 8.59 16.33
CA LEU B 365 34.08 8.01 14.97
C LEU B 365 33.52 9.01 13.96
N THR B 366 32.39 9.60 14.33
CA THR B 366 31.71 10.58 13.48
C THR B 366 32.51 11.88 13.40
N LYS B 367 32.90 12.40 14.55
CA LYS B 367 33.66 13.65 14.63
C LYS B 367 35.02 13.69 13.97
N GLU B 368 35.85 12.69 14.23
CA GLU B 368 37.21 12.59 13.71
C GLU B 368 37.51 11.77 12.47
N PHE B 369 36.63 10.88 12.07
CA PHE B 369 36.86 10.01 10.91
C PHE B 369 35.84 10.13 9.79
N SER B 370 34.77 10.84 10.05
CA SER B 370 33.70 11.04 9.05
C SER B 370 32.98 9.72 8.74
N ILE B 371 32.86 8.93 9.80
CA ILE B 371 32.17 7.63 9.73
C ILE B 371 30.84 7.81 10.47
N TYR B 372 29.77 7.77 9.69
CA TYR B 372 28.40 7.96 10.19
C TYR B 372 27.65 6.65 10.43
N MET B 373 27.16 6.53 11.65
CA MET B 373 26.38 5.37 12.09
C MET B 373 25.51 5.84 13.27
N THR B 374 24.59 4.99 13.65
CA THR B 374 23.70 5.29 14.80
C THR B 374 24.46 5.04 16.10
N LYS B 375 24.06 5.75 17.12
CA LYS B 375 24.64 5.74 18.45
C LYS B 375 24.51 4.43 19.20
N ASP B 376 23.79 3.50 18.63
CA ASP B 376 23.57 2.18 19.26
C ASP B 376 24.69 1.21 18.88
N GLY B 377 25.63 1.68 18.08
CA GLY B 377 26.78 0.88 17.64
C GLY B 377 26.46 -0.05 16.48
N ARG B 378 25.28 0.11 15.93
CA ARG B 378 24.77 -0.65 14.80
C ARG B 378 25.29 -0.08 13.48
N ILE B 379 25.84 -0.93 12.64
CA ILE B 379 26.36 -0.48 11.34
C ILE B 379 25.70 -1.35 10.25
N SER B 380 25.58 -0.71 9.10
CA SER B 380 25.03 -1.43 7.94
C SER B 380 26.33 -1.79 7.19
N VAL B 381 26.54 -3.07 7.09
CA VAL B 381 27.71 -3.64 6.43
C VAL B 381 27.68 -3.31 4.95
N ALA B 382 26.51 -2.96 4.46
CA ALA B 382 26.35 -2.59 3.04
C ALA B 382 27.17 -1.35 2.70
N GLY B 383 27.39 -0.52 3.70
CA GLY B 383 28.17 0.72 3.57
C GLY B 383 29.67 0.49 3.54
N VAL B 384 30.12 -0.71 3.77
CA VAL B 384 31.55 -1.06 3.78
C VAL B 384 31.91 -1.63 2.39
N ALA B 385 33.06 -1.23 1.93
CA ALA B 385 33.59 -1.68 0.63
C ALA B 385 35.07 -2.07 0.83
N SER B 386 35.55 -2.82 -0.13
CA SER B 386 36.93 -3.31 -0.21
C SER B 386 37.95 -2.16 -0.04
N SER B 387 37.57 -1.03 -0.58
CA SER B 387 38.35 0.20 -0.59
C SER B 387 38.34 1.06 0.67
N ASN B 388 37.42 0.77 1.58
CA ASN B 388 37.30 1.55 2.81
C ASN B 388 37.32 0.71 4.07
N VAL B 389 37.21 -0.59 3.89
CA VAL B 389 37.22 -1.50 5.05
C VAL B 389 38.47 -1.26 5.89
N GLY B 390 39.54 -0.89 5.21
CA GLY B 390 40.85 -0.64 5.88
C GLY B 390 40.77 0.57 6.79
N TYR B 391 40.21 1.61 6.20
CA TYR B 391 40.02 2.90 6.88
C TYR B 391 39.12 2.67 8.09
N LEU B 392 38.05 1.92 7.88
CA LEU B 392 37.10 1.63 8.96
C LEU B 392 37.75 0.90 10.14
N ALA B 393 38.52 -0.12 9.88
CA ALA B 393 39.19 -0.94 10.91
C ALA B 393 40.15 -0.06 11.69
N HIS B 394 40.85 0.75 10.91
CA HIS B 394 41.85 1.70 11.44
C HIS B 394 41.19 2.63 12.46
N ALA B 395 40.12 3.27 12.01
CA ALA B 395 39.34 4.21 12.83
C ALA B 395 38.81 3.58 14.10
N ILE B 396 38.21 2.41 13.96
CA ILE B 396 37.63 1.66 15.09
C ILE B 396 38.70 1.35 16.15
N HIS B 397 39.88 1.05 15.62
CA HIS B 397 41.02 0.72 16.49
C HIS B 397 41.41 1.95 17.31
N GLN B 398 41.57 3.06 16.62
CA GLN B 398 41.93 4.36 17.22
C GLN B 398 41.02 4.80 18.35
N VAL B 399 39.75 4.59 18.16
CA VAL B 399 38.68 4.97 19.08
C VAL B 399 38.54 3.99 20.23
N THR B 400 38.92 2.75 19.99
CA THR B 400 38.81 1.71 21.01
C THR B 400 40.10 1.39 21.77
N LYS B 401 41.24 1.74 21.21
CA LYS B 401 42.52 1.46 21.90
C LYS B 401 42.57 2.21 23.24
#